data_2PY2
#
_entry.id   2PY2
#
_cell.length_a   31.279
_cell.length_b   146.415
_cell.length_c   192.406
_cell.angle_alpha   90.00
_cell.angle_beta   90.00
_cell.angle_gamma   90.00
#
_symmetry.space_group_name_H-M   'P 21 21 21'
#
loop_
_entity.id
_entity.type
_entity.pdbx_description
1 polymer 'Antifreeze protein type II'
2 non-polymer 'CALCIUM ION'
3 water water
#
_entity_poly.entity_id   1
_entity_poly.type   'polypeptide(L)'
_entity_poly.pdbx_seq_one_letter_code
;ADECPTDWKMFNGRCFLFNPLQLHWADAQESCMKEGANLASIHSLEESTFVKELTSADLIPSWIGGTDCQVSTRWFWMDS
TSMDYADWCAAQPDTTLTECCIQMNVGIGKCWNDTPCTHLHSSICAKPLKHHHHHH
;
_entity_poly.pdbx_strand_id   A,B,C,D,E,F
#
loop_
_chem_comp.id
_chem_comp.type
_chem_comp.name
_chem_comp.formula
CA non-polymer 'CALCIUM ION' 'Ca 2'
#
# COMPACT_ATOMS: atom_id res chain seq x y z
N CYS A 4 -27.17 -23.94 20.24
CA CYS A 4 -27.65 -22.54 20.41
C CYS A 4 -28.60 -22.13 19.30
N PRO A 5 -29.49 -21.17 19.58
CA PRO A 5 -30.44 -20.71 18.56
C PRO A 5 -29.69 -20.04 17.41
N THR A 6 -30.25 -20.14 16.22
CA THR A 6 -29.68 -19.60 15.00
C THR A 6 -28.42 -18.71 15.07
N ASP A 7 -28.60 -17.40 15.08
CA ASP A 7 -27.47 -16.48 15.09
C ASP A 7 -26.57 -16.41 16.33
N TRP A 8 -26.88 -17.18 17.36
CA TRP A 8 -26.08 -17.15 18.59
C TRP A 8 -24.85 -18.07 18.52
N LYS A 9 -23.82 -17.76 19.31
CA LYS A 9 -22.58 -18.55 19.35
C LYS A 9 -22.36 -19.14 20.74
N MET A 10 -21.98 -20.42 20.77
CA MET A 10 -21.78 -21.11 22.03
C MET A 10 -20.38 -21.09 22.63
N PHE A 11 -20.33 -20.93 23.95
CA PHE A 11 -19.08 -20.94 24.69
C PHE A 11 -19.33 -21.27 26.15
N ASN A 12 -18.70 -22.35 26.62
CA ASN A 12 -18.82 -22.78 27.99
C ASN A 12 -20.25 -22.86 28.51
N GLY A 13 -21.11 -23.56 27.77
CA GLY A 13 -22.49 -23.73 28.20
C GLY A 13 -23.43 -22.55 28.04
N ARG A 14 -22.95 -21.48 27.43
CA ARG A 14 -23.80 -20.30 27.24
C ARG A 14 -23.81 -19.93 25.76
N CYS A 15 -24.81 -19.14 25.35
CA CYS A 15 -24.93 -18.68 23.98
C CYS A 15 -24.75 -17.17 24.01
N PHE A 16 -24.00 -16.66 23.03
CA PHE A 16 -23.72 -15.22 22.96
C PHE A 16 -24.17 -14.61 21.66
N LEU A 17 -24.49 -13.31 21.72
CA LEU A 17 -24.91 -12.60 20.53
C LEU A 17 -24.44 -11.16 20.59
N PHE A 18 -23.91 -10.68 19.47
CA PHE A 18 -23.45 -9.31 19.34
C PHE A 18 -24.60 -8.53 18.72
N ASN A 19 -25.06 -7.51 19.42
CA ASN A 19 -26.15 -6.66 18.93
C ASN A 19 -25.48 -5.37 18.45
N PRO A 20 -25.40 -5.16 17.12
CA PRO A 20 -24.77 -3.95 16.63
C PRO A 20 -25.56 -2.65 16.82
N LEU A 21 -26.85 -2.77 17.12
CA LEU A 21 -27.70 -1.60 17.32
C LEU A 21 -27.16 -0.70 18.43
N GLN A 22 -27.07 0.60 18.16
CA GLN A 22 -26.59 1.60 19.12
C GLN A 22 -27.70 1.94 20.11
N LEU A 23 -27.55 1.51 21.36
CA LEU A 23 -28.56 1.73 22.39
C LEU A 23 -27.94 2.11 23.73
N HIS A 24 -28.66 2.83 24.56
CA HIS A 24 -28.08 3.11 25.88
C HIS A 24 -28.19 1.81 26.67
N TRP A 25 -27.49 1.74 27.81
CA TRP A 25 -27.44 0.50 28.58
C TRP A 25 -28.77 -0.15 28.90
N ALA A 26 -29.73 0.64 29.37
CA ALA A 26 -31.05 0.12 29.71
C ALA A 26 -31.77 -0.48 28.50
N ASP A 27 -31.73 0.22 27.37
CA ASP A 27 -32.38 -0.29 26.15
C ASP A 27 -31.67 -1.56 25.67
N ALA A 28 -30.34 -1.61 25.84
CA ALA A 28 -29.57 -2.78 25.45
C ALA A 28 -30.00 -4.00 26.29
N GLN A 29 -30.17 -3.79 27.59
CA GLN A 29 -30.59 -4.86 28.48
C GLN A 29 -32.01 -5.29 28.14
N GLU A 30 -32.87 -4.32 27.86
CA GLU A 30 -34.25 -4.62 27.49
C GLU A 30 -34.25 -5.43 26.20
N SER A 31 -33.40 -5.05 25.27
CA SER A 31 -33.30 -5.77 23.99
C SER A 31 -32.90 -7.22 24.24
N CYS A 32 -31.97 -7.46 25.17
CA CYS A 32 -31.56 -8.83 25.45
C CYS A 32 -32.69 -9.63 26.11
N MET A 33 -33.42 -8.97 27.01
CA MET A 33 -34.51 -9.62 27.71
C MET A 33 -35.59 -10.13 26.78
N LYS A 34 -35.75 -9.48 25.63
CA LYS A 34 -36.75 -9.91 24.67
C LYS A 34 -36.39 -11.29 24.11
N GLU A 35 -35.13 -11.66 24.26
CA GLU A 35 -34.65 -12.95 23.78
C GLU A 35 -34.33 -13.92 24.93
N GLY A 36 -34.88 -13.65 26.11
CA GLY A 36 -34.61 -14.50 27.25
C GLY A 36 -33.16 -14.44 27.67
N ALA A 37 -32.52 -13.31 27.38
CA ALA A 37 -31.11 -13.11 27.70
C ALA A 37 -30.85 -11.91 28.61
N ASN A 38 -29.59 -11.68 28.93
CA ASN A 38 -29.15 -10.56 29.77
C ASN A 38 -27.89 -10.02 29.10
N LEU A 39 -27.56 -8.75 29.35
CA LEU A 39 -26.30 -8.26 28.82
C LEU A 39 -25.29 -9.24 29.42
N ALA A 40 -24.30 -9.63 28.64
CA ALA A 40 -23.35 -10.64 29.09
C ALA A 40 -22.46 -10.36 30.28
N SER A 41 -22.18 -11.41 31.04
CA SER A 41 -21.24 -11.32 32.16
C SER A 41 -20.01 -12.04 31.60
N ILE A 42 -18.83 -11.67 32.07
CA ILE A 42 -17.58 -12.27 31.61
C ILE A 42 -16.82 -12.75 32.84
N HIS A 43 -16.33 -13.99 32.82
CA HIS A 43 -15.68 -14.58 33.98
C HIS A 43 -14.26 -15.12 33.82
N SER A 44 -13.65 -14.88 32.67
CA SER A 44 -12.29 -15.35 32.44
C SER A 44 -11.74 -14.71 31.18
N LEU A 45 -10.42 -14.78 31.02
CA LEU A 45 -9.79 -14.23 29.84
C LEU A 45 -10.27 -15.01 28.62
N GLU A 46 -10.46 -16.31 28.80
CA GLU A 46 -10.92 -17.17 27.72
C GLU A 46 -12.29 -16.70 27.22
N GLU A 47 -13.16 -16.31 28.15
CA GLU A 47 -14.50 -15.86 27.79
C GLU A 47 -14.39 -14.47 27.14
N SER A 48 -13.51 -13.65 27.69
CA SER A 48 -13.29 -12.31 27.18
C SER A 48 -12.84 -12.38 25.73
N THR A 49 -11.92 -13.30 25.44
CA THR A 49 -11.40 -13.46 24.09
C THR A 49 -12.51 -13.93 23.15
N PHE A 50 -13.32 -14.88 23.60
CA PHE A 50 -14.41 -15.40 22.79
C PHE A 50 -15.38 -14.29 22.41
N VAL A 51 -15.75 -13.46 23.40
CA VAL A 51 -16.68 -12.38 23.11
C VAL A 51 -16.03 -11.33 22.20
N LYS A 52 -14.75 -11.05 22.40
CA LYS A 52 -14.09 -10.08 21.54
C LYS A 52 -14.16 -10.56 20.09
N GLU A 53 -14.11 -11.86 19.87
CA GLU A 53 -14.16 -12.40 18.52
C GLU A 53 -15.54 -12.23 17.88
N LEU A 54 -16.52 -11.79 18.67
CA LEU A 54 -17.86 -11.56 18.15
C LEU A 54 -18.07 -10.10 17.76
N THR A 55 -17.10 -9.26 18.10
CA THR A 55 -17.19 -7.83 17.84
C THR A 55 -16.45 -7.27 16.62
N SER A 56 -16.13 -8.17 15.68
CA SER A 56 -15.45 -7.81 14.42
C SER A 56 -13.98 -7.44 14.57
N ALA A 57 -13.30 -7.34 13.42
CA ALA A 57 -11.88 -7.00 13.38
C ALA A 57 -11.57 -5.67 14.04
N ASP A 58 -12.59 -4.82 14.19
CA ASP A 58 -12.40 -3.50 14.80
C ASP A 58 -12.56 -3.54 16.31
N LEU A 59 -13.05 -4.66 16.84
CA LEU A 59 -13.25 -4.80 18.28
C LEU A 59 -14.05 -3.59 18.74
N ILE A 60 -15.30 -3.55 18.31
CA ILE A 60 -16.22 -2.46 18.59
C ILE A 60 -16.64 -2.33 20.05
N PRO A 61 -16.48 -1.13 20.63
CA PRO A 61 -16.85 -0.83 22.03
C PRO A 61 -18.28 -1.32 22.25
N SER A 62 -18.50 -2.09 23.31
CA SER A 62 -19.81 -2.67 23.56
C SER A 62 -20.22 -2.71 25.04
N TRP A 63 -21.52 -2.60 25.29
CA TRP A 63 -22.05 -2.69 26.65
C TRP A 63 -22.05 -4.15 27.09
N ILE A 64 -21.73 -4.39 28.36
CA ILE A 64 -21.83 -5.71 28.93
C ILE A 64 -22.71 -5.52 30.18
N GLY A 65 -23.15 -6.60 30.80
CA GLY A 65 -24.09 -6.48 31.90
C GLY A 65 -23.68 -6.17 33.32
N GLY A 66 -22.62 -5.39 33.51
CA GLY A 66 -22.18 -5.09 34.86
C GLY A 66 -22.31 -3.62 35.21
N THR A 67 -22.62 -3.35 36.48
CA THR A 67 -22.75 -1.98 36.95
C THR A 67 -22.57 -1.90 38.46
N ASP A 68 -22.23 -0.72 38.96
CA ASP A 68 -22.13 -0.48 40.41
C ASP A 68 -22.98 0.78 40.63
N CYS A 69 -24.12 0.81 39.94
CA CYS A 69 -25.04 1.95 39.99
C CYS A 69 -25.83 2.12 41.28
N GLN A 70 -25.91 1.09 42.10
CA GLN A 70 -26.65 1.22 43.35
C GLN A 70 -25.73 1.82 44.43
N VAL A 71 -24.65 1.12 44.72
CA VAL A 71 -23.69 1.59 45.71
C VAL A 71 -22.29 1.56 45.10
N SER A 72 -21.60 2.69 45.11
CA SER A 72 -20.27 2.78 44.53
C SER A 72 -19.35 1.65 44.99
N THR A 73 -18.61 1.09 44.03
CA THR A 73 -17.66 0.00 44.23
C THR A 73 -18.26 -1.38 44.43
N ARG A 74 -19.60 -1.47 44.44
CA ARG A 74 -20.24 -2.76 44.60
C ARG A 74 -20.78 -3.15 43.23
N TRP A 75 -20.03 -3.99 42.54
CA TRP A 75 -20.38 -4.44 41.20
C TRP A 75 -21.26 -5.68 41.11
N PHE A 76 -22.25 -5.62 40.23
CA PHE A 76 -23.16 -6.73 40.01
C PHE A 76 -23.36 -6.98 38.53
N TRP A 77 -23.56 -8.26 38.18
CA TRP A 77 -23.84 -8.68 36.82
C TRP A 77 -25.36 -8.87 36.79
N MET A 78 -26.00 -8.51 35.69
CA MET A 78 -27.44 -8.64 35.57
C MET A 78 -27.93 -10.08 35.61
N ASP A 79 -27.07 -11.04 35.30
CA ASP A 79 -27.47 -12.44 35.33
C ASP A 79 -27.21 -13.09 36.67
N SER A 80 -26.91 -12.26 37.67
CA SER A 80 -26.65 -12.69 39.04
C SER A 80 -25.47 -13.64 39.28
N THR A 81 -24.52 -13.66 38.35
CA THR A 81 -23.33 -14.49 38.52
C THR A 81 -22.31 -13.69 39.31
N SER A 82 -21.26 -14.33 39.79
CA SER A 82 -20.27 -13.61 40.60
C SER A 82 -19.30 -12.72 39.82
N MET A 83 -18.85 -11.65 40.48
CA MET A 83 -17.88 -10.72 39.91
C MET A 83 -16.52 -11.27 40.32
N ASP A 84 -16.02 -12.21 39.53
CA ASP A 84 -14.75 -12.87 39.82
C ASP A 84 -13.68 -12.60 38.79
N TYR A 85 -13.96 -11.69 37.86
CA TYR A 85 -13.00 -11.37 36.81
C TYR A 85 -13.28 -9.96 36.33
N ALA A 86 -12.22 -9.26 35.95
CA ALA A 86 -12.32 -7.91 35.43
C ALA A 86 -11.19 -7.65 34.44
N ASP A 87 -11.41 -6.72 33.51
CA ASP A 87 -10.40 -6.36 32.53
C ASP A 87 -10.36 -4.84 32.42
N TRP A 88 -10.27 -4.19 33.57
CA TRP A 88 -10.25 -2.73 33.62
C TRP A 88 -9.07 -2.05 32.90
N CYS A 89 -9.38 -0.95 32.23
CA CYS A 89 -8.35 -0.17 31.56
C CYS A 89 -7.57 0.50 32.70
N ALA A 90 -6.44 1.11 32.35
CA ALA A 90 -5.64 1.81 33.36
C ALA A 90 -6.49 2.91 33.99
N ALA A 91 -6.43 3.00 35.33
CA ALA A 91 -7.16 4.00 36.09
C ALA A 91 -8.63 3.65 36.31
N GLN A 92 -9.12 2.62 35.62
CA GLN A 92 -10.51 2.19 35.74
C GLN A 92 -10.67 1.13 36.81
N PRO A 93 -11.84 1.06 37.46
CA PRO A 93 -13.00 1.93 37.21
C PRO A 93 -12.97 3.20 38.08
N ASP A 94 -13.69 4.24 37.67
CA ASP A 94 -13.72 5.46 38.46
C ASP A 94 -14.63 5.29 39.69
N THR A 95 -15.63 4.42 39.55
CA THR A 95 -16.62 4.11 40.59
C THR A 95 -17.60 5.23 40.88
N THR A 96 -17.58 6.29 40.07
CA THR A 96 -18.51 7.40 40.23
C THR A 96 -19.88 6.92 39.78
N LEU A 97 -20.92 7.22 40.57
CA LEU A 97 -22.26 6.78 40.20
C LEU A 97 -22.73 7.36 38.87
N THR A 98 -22.10 8.44 38.41
CA THR A 98 -22.50 9.05 37.14
C THR A 98 -22.00 8.29 35.90
N GLU A 99 -21.11 7.32 36.11
CA GLU A 99 -20.56 6.52 35.01
C GLU A 99 -20.43 5.11 35.59
N CYS A 100 -21.58 4.49 35.82
CA CYS A 100 -21.61 3.19 36.50
C CYS A 100 -21.88 1.91 35.72
N CYS A 101 -21.96 2.00 34.39
CA CYS A 101 -22.22 0.83 33.54
C CYS A 101 -20.92 0.39 32.86
N ILE A 102 -20.67 -0.91 32.78
CA ILE A 102 -19.43 -1.41 32.16
C ILE A 102 -19.47 -1.51 30.65
N GLN A 103 -18.50 -0.88 30.00
CA GLN A 103 -18.34 -0.89 28.56
C GLN A 103 -17.04 -1.63 28.28
N MET A 104 -17.05 -2.58 27.34
CA MET A 104 -15.83 -3.30 26.99
C MET A 104 -15.29 -2.82 25.63
N ASN A 105 -14.11 -3.32 25.24
CA ASN A 105 -13.49 -2.92 23.97
C ASN A 105 -13.26 -1.40 23.89
N VAL A 106 -12.93 -0.80 25.02
CA VAL A 106 -12.72 0.65 25.07
C VAL A 106 -11.27 1.04 24.87
N GLY A 107 -11.06 2.08 24.05
CA GLY A 107 -9.73 2.59 23.81
C GLY A 107 -8.80 1.69 23.01
N ILE A 108 -7.52 2.07 22.93
CA ILE A 108 -6.57 1.28 22.18
C ILE A 108 -6.27 -0.04 22.88
N GLY A 109 -6.46 -0.05 24.20
CA GLY A 109 -6.20 -1.26 24.96
C GLY A 109 -7.34 -2.26 24.93
N LYS A 110 -8.48 -1.85 24.36
CA LYS A 110 -9.66 -2.71 24.26
C LYS A 110 -10.01 -3.37 25.61
N CYS A 111 -10.08 -2.55 26.64
CA CYS A 111 -10.38 -3.00 28.00
C CYS A 111 -11.70 -2.44 28.51
N TRP A 112 -11.99 -2.65 29.80
CA TRP A 112 -13.24 -2.17 30.40
C TRP A 112 -13.12 -0.77 30.99
N ASN A 113 -14.22 -0.04 30.90
CA ASN A 113 -14.27 1.32 31.39
C ASN A 113 -15.70 1.53 31.92
N ASP A 114 -15.87 2.06 33.14
CA ASP A 114 -17.24 2.31 33.58
C ASP A 114 -17.64 3.62 32.91
N THR A 115 -18.81 3.65 32.29
CA THR A 115 -19.22 4.85 31.56
C THR A 115 -20.67 5.22 31.78
N PRO A 116 -21.04 6.47 31.50
CA PRO A 116 -22.43 6.90 31.68
C PRO A 116 -23.37 5.94 30.94
N CYS A 117 -24.35 5.40 31.66
CA CYS A 117 -25.27 4.44 31.06
C CYS A 117 -26.10 4.97 29.91
N THR A 118 -26.19 6.30 29.76
CA THR A 118 -26.98 6.88 28.68
C THR A 118 -26.27 6.90 27.32
N HIS A 119 -24.99 6.57 27.30
CA HIS A 119 -24.23 6.55 26.04
C HIS A 119 -24.73 5.44 25.15
N LEU A 120 -24.76 5.68 23.84
CA LEU A 120 -25.23 4.65 22.90
C LEU A 120 -24.07 3.75 22.45
N HIS A 121 -24.22 2.45 22.60
CA HIS A 121 -23.22 1.49 22.15
C HIS A 121 -23.84 0.17 21.72
N SER A 122 -23.05 -0.61 20.99
CA SER A 122 -23.48 -1.93 20.56
C SER A 122 -23.43 -2.72 21.85
N SER A 123 -23.84 -3.99 21.82
CA SER A 123 -23.81 -4.75 23.06
C SER A 123 -23.67 -6.25 22.88
N ILE A 124 -23.37 -6.93 23.98
CA ILE A 124 -23.19 -8.37 23.96
C ILE A 124 -24.28 -8.98 24.84
N CYS A 125 -25.07 -9.90 24.30
CA CYS A 125 -26.10 -10.57 25.09
C CYS A 125 -25.67 -12.03 25.30
N ALA A 126 -26.13 -12.60 26.41
CA ALA A 126 -25.79 -14.00 26.70
C ALA A 126 -26.92 -14.66 27.48
N LYS A 127 -27.01 -15.97 27.34
CA LYS A 127 -28.03 -16.75 28.04
C LYS A 127 -27.59 -18.21 28.06
N PRO A 128 -28.01 -18.97 29.07
CA PRO A 128 -27.61 -20.38 29.14
C PRO A 128 -28.07 -21.23 27.94
N LEU A 129 -27.29 -22.25 27.63
CA LEU A 129 -27.60 -23.15 26.53
C LEU A 129 -28.70 -24.09 27.00
N LYS A 130 -29.77 -24.22 26.21
CA LYS A 130 -30.88 -25.09 26.59
C LYS A 130 -30.75 -26.50 25.99
N CYS B 4 -2.61 -22.58 -29.59
CA CYS B 4 -3.03 -21.17 -29.36
C CYS B 4 -3.98 -20.69 -30.45
N PRO B 5 -4.78 -19.66 -30.16
CA PRO B 5 -5.70 -19.14 -31.18
C PRO B 5 -4.94 -18.61 -32.39
N THR B 6 -5.57 -18.72 -33.55
CA THR B 6 -5.01 -18.29 -34.83
C THR B 6 -3.68 -17.54 -34.87
N ASP B 7 -3.72 -16.22 -34.78
CA ASP B 7 -2.51 -15.40 -34.87
C ASP B 7 -1.60 -15.30 -33.64
N TRP B 8 -1.83 -16.15 -32.64
CA TRP B 8 -1.00 -16.11 -31.44
C TRP B 8 0.09 -17.17 -31.44
N LYS B 9 1.22 -16.85 -30.79
CA LYS B 9 2.36 -17.76 -30.73
C LYS B 9 2.54 -18.33 -29.32
N MET B 10 2.72 -19.64 -29.24
CA MET B 10 2.87 -20.30 -27.95
C MET B 10 4.27 -20.35 -27.35
N PHE B 11 4.33 -20.20 -26.03
CA PHE B 11 5.59 -20.27 -25.28
C PHE B 11 5.33 -20.61 -23.82
N ASN B 12 5.82 -21.77 -23.39
CA ASN B 12 5.69 -22.21 -22.00
C ASN B 12 4.32 -21.97 -21.34
N GLY B 13 3.27 -22.49 -21.94
CA GLY B 13 1.94 -22.35 -21.34
C GLY B 13 1.15 -21.08 -21.59
N ARG B 14 1.72 -20.16 -22.36
CA ARG B 14 1.04 -18.91 -22.67
C ARG B 14 1.06 -18.67 -24.17
N CYS B 15 0.17 -17.78 -24.63
CA CYS B 15 0.07 -17.42 -26.03
C CYS B 15 0.40 -15.94 -26.11
N PHE B 16 1.23 -15.56 -27.07
CA PHE B 16 1.65 -14.17 -27.23
C PHE B 16 1.27 -13.58 -28.58
N LEU B 17 1.10 -12.26 -28.62
CA LEU B 17 0.77 -11.55 -29.85
C LEU B 17 1.43 -10.18 -29.92
N PHE B 18 1.98 -9.85 -31.08
CA PHE B 18 2.61 -8.54 -31.27
C PHE B 18 1.53 -7.68 -31.92
N ASN B 19 1.25 -6.53 -31.30
CA ASN B 19 0.28 -5.60 -31.84
C ASN B 19 1.07 -4.42 -32.40
N PRO B 20 1.15 -4.32 -33.73
CA PRO B 20 1.90 -3.23 -34.38
C PRO B 20 1.34 -1.82 -34.22
N LEU B 21 0.05 -1.72 -33.92
CA LEU B 21 -0.58 -0.40 -33.78
C LEU B 21 0.02 0.45 -32.67
N GLN B 22 0.21 1.74 -32.97
CA GLN B 22 0.77 2.71 -32.05
C GLN B 22 -0.28 3.21 -31.06
N LEU B 23 -0.16 2.79 -29.80
CA LEU B 23 -1.13 3.16 -28.79
C LEU B 23 -0.46 3.57 -27.49
N HIS B 24 -1.15 4.34 -26.64
CA HIS B 24 -0.50 4.64 -25.38
C HIS B 24 -0.69 3.39 -24.53
N TRP B 25 -0.01 3.31 -23.40
CA TRP B 25 -0.08 2.11 -22.56
C TRP B 25 -1.48 1.59 -22.23
N ALA B 26 -2.36 2.49 -21.78
CA ALA B 26 -3.73 2.09 -21.44
C ALA B 26 -4.49 1.55 -22.65
N ASP B 27 -4.38 2.22 -23.79
CA ASP B 27 -5.07 1.75 -24.99
C ASP B 27 -4.52 0.39 -25.40
N ALA B 28 -3.21 0.21 -25.20
CA ALA B 28 -2.57 -1.06 -25.54
C ALA B 28 -3.13 -2.17 -24.64
N GLN B 29 -3.25 -1.89 -23.35
CA GLN B 29 -3.79 -2.85 -22.39
C GLN B 29 -5.24 -3.15 -22.70
N GLU B 30 -6.00 -2.11 -23.03
CA GLU B 30 -7.42 -2.29 -23.36
C GLU B 30 -7.55 -3.17 -24.59
N SER B 31 -6.68 -2.96 -25.57
CA SER B 31 -6.72 -3.75 -26.80
C SER B 31 -6.47 -5.23 -26.48
N CYS B 32 -5.49 -5.52 -25.62
CA CYS B 32 -5.21 -6.91 -25.24
C CYS B 32 -6.40 -7.53 -24.52
N MET B 33 -7.04 -6.73 -23.67
CA MET B 33 -8.19 -7.22 -22.91
C MET B 33 -9.35 -7.66 -23.78
N LYS B 34 -9.51 -7.03 -24.94
CA LYS B 34 -10.59 -7.40 -25.85
C LYS B 34 -10.43 -8.85 -26.28
N GLU B 35 -9.20 -9.35 -26.22
CA GLU B 35 -8.89 -10.72 -26.61
C GLU B 35 -8.64 -11.62 -25.39
N GLY B 36 -9.13 -11.19 -24.24
CA GLY B 36 -8.96 -11.96 -23.02
C GLY B 36 -7.51 -12.03 -22.58
N ALA B 37 -6.73 -11.04 -22.98
CA ALA B 37 -5.31 -11.02 -22.63
C ALA B 37 -4.89 -9.78 -21.81
N ASN B 38 -3.61 -9.72 -21.50
CA ASN B 38 -3.02 -8.60 -20.76
C ASN B 38 -1.73 -8.25 -21.48
N LEU B 39 -1.22 -7.05 -21.26
CA LEU B 39 0.07 -6.72 -21.85
C LEU B 39 0.96 -7.77 -21.19
N ALA B 40 1.92 -8.30 -21.94
CA ALA B 40 2.76 -9.37 -21.44
C ALA B 40 3.71 -9.08 -20.30
N SER B 41 3.95 -10.12 -19.50
CA SER B 41 4.91 -10.07 -18.40
C SER B 41 6.04 -10.97 -18.93
N ILE B 42 7.26 -10.69 -18.50
CA ILE B 42 8.44 -11.45 -18.93
C ILE B 42 9.18 -11.91 -17.69
N HIS B 43 9.49 -13.20 -17.63
CA HIS B 43 10.11 -13.78 -16.44
C HIS B 43 11.49 -14.43 -16.58
N SER B 44 12.07 -14.36 -17.77
CA SER B 44 13.39 -14.97 -17.98
C SER B 44 14.00 -14.48 -19.28
N LEU B 45 15.30 -14.73 -19.44
CA LEU B 45 15.98 -14.34 -20.67
C LEU B 45 15.40 -15.14 -21.83
N GLU B 46 15.04 -16.39 -21.57
CA GLU B 46 14.46 -17.24 -22.61
C GLU B 46 13.15 -16.63 -23.10
N GLU B 47 12.32 -16.16 -22.16
CA GLU B 47 11.05 -15.57 -22.52
C GLU B 47 11.27 -14.25 -23.25
N SER B 48 12.24 -13.47 -22.79
CA SER B 48 12.57 -12.19 -23.40
C SER B 48 12.98 -12.39 -24.86
N THR B 49 13.79 -13.40 -25.09
CA THR B 49 14.25 -13.70 -26.44
C THR B 49 13.08 -14.14 -27.32
N PHE B 50 12.16 -14.92 -26.76
CA PHE B 50 11.01 -15.40 -27.51
C PHE B 50 10.13 -14.22 -27.94
N VAL B 51 9.86 -13.31 -27.01
CA VAL B 51 9.03 -12.17 -27.32
C VAL B 51 9.68 -11.25 -28.34
N LYS B 52 10.99 -11.04 -28.22
CA LYS B 52 11.70 -10.18 -29.17
C LYS B 52 11.56 -10.71 -30.59
N GLU B 53 11.47 -12.03 -30.73
CA GLU B 53 11.31 -12.62 -32.04
C GLU B 53 10.00 -12.20 -32.67
N LEU B 54 9.01 -11.90 -31.82
CA LEU B 54 7.71 -11.47 -32.30
C LEU B 54 7.71 -10.02 -32.80
N THR B 55 8.72 -9.25 -32.39
CA THR B 55 8.81 -7.84 -32.77
C THR B 55 9.63 -7.61 -34.04
N SER B 56 9.85 -8.68 -34.81
CA SER B 56 10.61 -8.64 -36.06
C SER B 56 12.12 -8.54 -35.86
N ALA B 57 12.86 -8.69 -36.95
CA ALA B 57 14.32 -8.61 -36.89
C ALA B 57 14.76 -7.22 -36.49
N ASP B 58 13.88 -6.24 -36.67
CA ASP B 58 14.17 -4.85 -36.34
C ASP B 58 13.96 -4.54 -34.85
N LEU B 59 13.47 -5.53 -34.11
CA LEU B 59 13.23 -5.39 -32.67
C LEU B 59 12.56 -4.06 -32.32
N ILE B 60 11.30 -3.94 -32.72
CA ILE B 60 10.52 -2.73 -32.52
C ILE B 60 10.21 -2.41 -31.04
N PRO B 61 10.44 -1.15 -30.61
CA PRO B 61 10.14 -0.77 -29.22
C PRO B 61 8.68 -1.09 -28.96
N SER B 62 8.39 -1.74 -27.83
CA SER B 62 7.02 -2.12 -27.53
C SER B 62 6.68 -2.04 -26.04
N TRP B 63 5.40 -1.79 -25.76
CA TRP B 63 4.92 -1.73 -24.38
C TRP B 63 4.76 -3.14 -23.84
N ILE B 64 5.12 -3.35 -22.58
CA ILE B 64 4.82 -4.63 -21.95
C ILE B 64 4.00 -4.27 -20.72
N GLY B 65 3.48 -5.26 -20.01
CA GLY B 65 2.58 -4.93 -18.92
C GLY B 65 3.08 -4.62 -17.53
N GLY B 66 4.21 -3.95 -17.40
CA GLY B 66 4.73 -3.63 -16.08
C GLY B 66 4.75 -2.15 -15.79
N THR B 67 4.50 -1.77 -14.55
CA THR B 67 4.52 -0.36 -14.18
C THR B 67 4.75 -0.22 -12.69
N ASP B 68 5.24 0.94 -12.28
CA ASP B 68 5.40 1.25 -10.85
C ASP B 68 4.68 2.59 -10.69
N CYS B 69 3.54 2.71 -11.38
CA CYS B 69 2.76 3.94 -11.36
C CYS B 69 1.98 4.23 -10.06
N GLN B 70 1.81 3.24 -9.20
CA GLN B 70 1.09 3.49 -7.95
C GLN B 70 2.06 4.05 -6.90
N VAL B 71 3.07 3.27 -6.56
CA VAL B 71 4.08 3.70 -5.59
C VAL B 71 5.44 3.49 -6.25
N SER B 72 6.22 4.57 -6.37
CA SER B 72 7.54 4.50 -7.01
C SER B 72 8.38 3.35 -6.46
N THR B 73 9.04 2.64 -7.39
CA THR B 73 9.91 1.49 -7.13
C THR B 73 9.21 0.18 -6.83
N ARG B 74 7.88 0.20 -6.76
CA ARG B 74 7.10 -1.01 -6.52
C ARG B 74 6.51 -1.40 -7.86
N TRP B 75 7.15 -2.37 -8.50
CA TRP B 75 6.77 -2.86 -9.82
C TRP B 75 5.76 -4.00 -9.82
N PHE B 76 4.75 -3.90 -10.68
CA PHE B 76 3.72 -4.92 -10.80
C PHE B 76 3.44 -5.23 -12.27
N TRP B 77 3.08 -6.48 -12.54
CA TRP B 77 2.69 -6.94 -13.87
C TRP B 77 1.15 -6.92 -13.84
N MET B 78 0.52 -6.67 -14.98
CA MET B 78 -0.94 -6.63 -15.04
C MET B 78 -1.59 -8.00 -14.96
N ASP B 79 -0.83 -9.06 -15.22
CA ASP B 79 -1.39 -10.40 -15.18
C ASP B 79 -1.16 -11.05 -13.82
N SER B 80 -0.77 -10.23 -12.85
CA SER B 80 -0.53 -10.65 -11.46
C SER B 80 0.63 -11.60 -11.19
N THR B 81 1.45 -11.88 -12.21
CA THR B 81 2.58 -12.76 -11.99
C THR B 81 3.64 -11.98 -11.21
N SER B 82 4.64 -12.67 -10.73
CA SER B 82 5.70 -12.04 -9.94
C SER B 82 6.75 -11.28 -10.74
N MET B 83 7.30 -10.24 -10.13
CA MET B 83 8.36 -9.45 -10.74
C MET B 83 9.66 -10.16 -10.34
N ASP B 84 10.02 -11.20 -11.09
CA ASP B 84 11.21 -11.99 -10.79
C ASP B 84 12.30 -11.87 -11.83
N TYR B 85 12.12 -10.97 -12.79
CA TYR B 85 13.11 -10.79 -13.85
C TYR B 85 13.02 -9.38 -14.40
N ALA B 86 14.16 -8.81 -14.79
CA ALA B 86 14.19 -7.49 -15.40
C ALA B 86 15.35 -7.40 -16.39
N ASP B 87 15.15 -6.62 -17.45
CA ASP B 87 16.18 -6.43 -18.47
C ASP B 87 16.38 -4.93 -18.68
N TRP B 88 16.57 -4.21 -17.59
CA TRP B 88 16.74 -2.75 -17.64
C TRP B 88 17.96 -2.28 -18.40
N CYS B 89 17.79 -1.18 -19.14
CA CYS B 89 18.91 -0.59 -19.87
C CYS B 89 19.84 -0.05 -18.79
N ALA B 90 21.01 0.42 -19.18
CA ALA B 90 21.95 0.96 -18.21
C ALA B 90 21.37 2.23 -17.60
N ALA B 91 21.43 2.32 -16.26
CA ALA B 91 20.92 3.48 -15.53
C ALA B 91 19.40 3.44 -15.35
N GLN B 92 18.76 2.36 -15.79
CA GLN B 92 17.32 2.23 -15.65
C GLN B 92 17.00 1.30 -14.48
N PRO B 93 15.82 1.45 -13.87
CA PRO B 93 14.78 2.43 -14.21
C PRO B 93 14.97 3.72 -13.44
N ASP B 94 14.31 4.78 -13.90
CA ASP B 94 14.38 6.07 -13.21
C ASP B 94 13.48 6.08 -11.98
N THR B 95 12.40 5.32 -12.06
CA THR B 95 11.39 5.17 -11.00
C THR B 95 10.54 6.41 -10.76
N THR B 96 10.67 7.40 -11.65
CA THR B 96 9.87 8.62 -11.53
C THR B 96 8.44 8.32 -11.97
N LEU B 97 7.46 8.85 -11.25
CA LEU B 97 6.07 8.61 -11.60
C LEU B 97 5.67 9.14 -12.98
N THR B 98 6.39 10.13 -13.49
CA THR B 98 6.06 10.67 -14.82
C THR B 98 6.44 9.74 -15.97
N GLU B 99 7.23 8.71 -15.68
CA GLU B 99 7.65 7.73 -16.69
C GLU B 99 7.61 6.38 -15.98
N CYS B 100 6.40 5.91 -15.70
CA CYS B 100 6.26 4.67 -14.94
C CYS B 100 5.82 3.38 -15.64
N CYS B 101 5.74 3.39 -16.97
CA CYS B 101 5.32 2.20 -17.74
C CYS B 101 6.55 1.58 -18.41
N ILE B 102 6.63 0.26 -18.44
CA ILE B 102 7.79 -0.40 -19.05
C ILE B 102 7.71 -0.60 -20.55
N GLN B 103 8.71 -0.09 -21.27
CA GLN B 103 8.81 -0.23 -22.71
C GLN B 103 10.03 -1.14 -22.95
N MET B 104 9.90 -2.14 -23.82
CA MET B 104 11.03 -3.03 -24.12
C MET B 104 11.61 -2.68 -25.49
N ASN B 105 12.74 -3.28 -25.85
CA ASN B 105 13.40 -3.03 -27.14
C ASN B 105 13.81 -1.56 -27.32
N VAL B 106 14.18 -0.91 -26.23
CA VAL B 106 14.57 0.50 -26.26
C VAL B 106 16.05 0.75 -26.50
N GLY B 107 16.35 1.68 -27.39
CA GLY B 107 17.73 2.02 -27.69
C GLY B 107 18.48 0.95 -28.48
N ILE B 108 19.76 1.19 -28.72
CA ILE B 108 20.59 0.24 -29.45
C ILE B 108 20.74 -1.05 -28.66
N GLY B 109 20.66 -0.95 -27.34
CA GLY B 109 20.78 -2.14 -26.50
C GLY B 109 19.54 -3.01 -26.49
N LYS B 110 18.42 -2.48 -26.95
CA LYS B 110 17.16 -3.22 -27.00
C LYS B 110 16.80 -3.75 -25.61
N CYS B 111 16.78 -2.84 -24.64
CA CYS B 111 16.49 -3.19 -23.25
C CYS B 111 15.25 -2.43 -22.76
N TRP B 112 14.95 -2.59 -21.47
CA TRP B 112 13.80 -1.94 -20.86
C TRP B 112 14.11 -0.55 -20.36
N ASN B 113 13.12 0.31 -20.45
CA ASN B 113 13.27 1.69 -20.01
C ASN B 113 11.88 2.10 -19.50
N ASP B 114 11.77 2.69 -18.31
CA ASP B 114 10.44 3.11 -17.92
C ASP B 114 10.16 4.42 -18.65
N THR B 115 8.98 4.53 -19.27
CA THR B 115 8.68 5.73 -20.05
C THR B 115 7.27 6.28 -19.82
N PRO B 116 7.01 7.53 -20.22
CA PRO B 116 5.69 8.12 -20.03
C PRO B 116 4.61 7.24 -20.67
N CYS B 117 3.62 6.84 -19.87
CA CYS B 117 2.58 5.94 -20.35
C CYS B 117 1.76 6.52 -21.51
N THR B 118 1.80 7.83 -21.70
CA THR B 118 1.04 8.44 -22.79
C THR B 118 1.73 8.34 -24.16
N HIS B 119 2.98 7.89 -24.18
CA HIS B 119 3.69 7.73 -25.45
C HIS B 119 3.07 6.60 -26.26
N LEU B 120 3.10 6.71 -27.59
CA LEU B 120 2.52 5.68 -28.45
C LEU B 120 3.54 4.66 -28.90
N HIS B 121 3.25 3.39 -28.69
CA HIS B 121 4.15 2.31 -29.10
C HIS B 121 3.37 1.06 -29.45
N SER B 122 4.05 0.15 -30.14
CA SER B 122 3.48 -1.14 -30.48
C SER B 122 3.44 -1.83 -29.11
N SER B 123 2.91 -3.04 -29.04
CA SER B 123 2.83 -3.73 -27.74
C SER B 123 2.81 -5.24 -27.85
N ILE B 124 3.08 -5.91 -26.73
CA ILE B 124 3.08 -7.37 -26.68
C ILE B 124 1.95 -7.81 -25.76
N CYS B 125 1.06 -8.68 -26.24
CA CYS B 125 -0.04 -9.18 -25.43
C CYS B 125 0.22 -10.65 -25.10
N ALA B 126 -0.38 -11.13 -24.02
CA ALA B 126 -0.22 -12.52 -23.63
C ALA B 126 -1.40 -13.02 -22.82
N LYS B 127 -1.67 -14.32 -22.93
CA LYS B 127 -2.75 -14.93 -22.17
C LYS B 127 -2.46 -16.42 -22.03
N PRO B 128 -3.01 -17.03 -20.97
CA PRO B 128 -2.77 -18.47 -20.77
C PRO B 128 -3.33 -19.30 -21.92
N LEU B 129 -2.72 -20.46 -22.13
CA LEU B 129 -3.15 -21.38 -23.16
C LEU B 129 -4.36 -22.12 -22.59
N LYS B 130 -5.43 -22.24 -23.38
CA LYS B 130 -6.63 -22.93 -22.89
C LYS B 130 -6.67 -24.39 -23.36
N CYS C 4 -13.50 -22.33 0.65
CA CYS C 4 -12.34 -21.40 0.69
C CYS C 4 -11.36 -21.78 1.79
N PRO C 5 -10.14 -21.22 1.76
CA PRO C 5 -9.16 -21.55 2.79
C PRO C 5 -9.54 -20.88 4.12
N THR C 6 -9.21 -21.54 5.21
CA THR C 6 -9.50 -21.11 6.59
C THR C 6 -10.23 -19.78 6.88
N ASP C 7 -9.50 -18.67 6.92
CA ASP C 7 -10.12 -17.38 7.23
C ASP C 7 -10.79 -16.63 6.08
N TRP C 8 -10.83 -17.23 4.90
CA TRP C 8 -11.43 -16.56 3.75
C TRP C 8 -12.93 -16.80 3.63
N LYS C 9 -13.65 -15.82 3.09
CA LYS C 9 -15.10 -15.91 2.94
C LYS C 9 -15.51 -16.00 1.47
N MET C 10 -16.36 -16.97 1.17
CA MET C 10 -16.80 -17.20 -0.19
C MET C 10 -17.99 -16.38 -0.68
N PHE C 11 -17.90 -15.93 -1.92
CA PHE C 11 -18.97 -15.19 -2.57
C PHE C 11 -18.84 -15.27 -4.09
N ASN C 12 -19.88 -15.77 -4.72
CA ASN C 12 -19.91 -15.86 -6.18
C ASN C 12 -18.67 -16.48 -6.83
N GLY C 13 -18.22 -17.61 -6.31
CA GLY C 13 -17.07 -18.29 -6.90
C GLY C 13 -15.69 -17.74 -6.56
N ARG C 14 -15.62 -16.78 -5.64
CA ARG C 14 -14.34 -16.21 -5.24
C ARG C 14 -14.23 -16.23 -3.73
N CYS C 15 -13.00 -16.09 -3.23
CA CYS C 15 -12.73 -16.07 -1.79
C CYS C 15 -12.22 -14.68 -1.43
N PHE C 16 -12.74 -14.13 -0.35
CA PHE C 16 -12.37 -12.78 0.09
C PHE C 16 -11.76 -12.75 1.50
N LEU C 17 -10.93 -11.74 1.75
CA LEU C 17 -10.30 -11.56 3.05
C LEU C 17 -10.10 -10.08 3.37
N PHE C 18 -10.44 -9.69 4.59
CA PHE C 18 -10.25 -8.33 5.02
C PHE C 18 -8.89 -8.30 5.72
N ASN C 19 -8.03 -7.37 5.31
CA ASN C 19 -6.72 -7.24 5.92
C ASN C 19 -6.75 -5.95 6.72
N PRO C 20 -6.80 -6.07 8.05
CA PRO C 20 -6.84 -4.85 8.87
C PRO C 20 -5.55 -4.03 8.91
N LEU C 21 -4.42 -4.67 8.61
CA LEU C 21 -3.15 -3.97 8.65
C LEU C 21 -3.15 -2.73 7.76
N GLN C 22 -2.67 -1.61 8.27
CA GLN C 22 -2.63 -0.38 7.50
C GLN C 22 -1.39 -0.32 6.62
N LEU C 23 -1.63 -0.37 5.30
CA LEU C 23 -0.55 -0.39 4.29
C LEU C 23 -0.83 0.56 3.13
N HIS C 24 0.21 0.97 2.41
CA HIS C 24 -0.06 1.78 1.25
C HIS C 24 -0.54 0.80 0.19
N TRP C 25 -1.10 1.30 -0.89
CA TRP C 25 -1.67 0.44 -1.92
C TRP C 25 -0.75 -0.68 -2.42
N ALA C 26 0.50 -0.33 -2.69
CA ALA C 26 1.46 -1.32 -3.19
C ALA C 26 1.75 -2.42 -2.17
N ASP C 27 1.93 -2.06 -0.91
CA ASP C 27 2.15 -3.07 0.11
C ASP C 27 0.91 -3.94 0.27
N ALA C 28 -0.28 -3.35 0.15
CA ALA C 28 -1.52 -4.12 0.27
C ALA C 28 -1.62 -5.16 -0.85
N GLN C 29 -1.29 -4.73 -2.07
CA GLN C 29 -1.33 -5.63 -3.21
C GLN C 29 -0.30 -6.76 -3.02
N GLU C 30 0.90 -6.39 -2.59
CA GLU C 30 1.95 -7.39 -2.36
C GLU C 30 1.50 -8.40 -1.31
N SER C 31 0.83 -7.93 -0.27
CA SER C 31 0.36 -8.83 0.78
C SER C 31 -0.66 -9.82 0.22
N CYS C 32 -1.55 -9.36 -0.68
CA CYS C 32 -2.53 -10.26 -1.26
C CYS C 32 -1.81 -11.27 -2.14
N MET C 33 -0.82 -10.81 -2.90
CA MET C 33 -0.08 -11.71 -3.79
C MET C 33 0.59 -12.86 -3.06
N LYS C 34 0.95 -12.65 -1.80
CA LYS C 34 1.59 -13.71 -1.00
C LYS C 34 0.63 -14.88 -0.77
N GLU C 35 -0.67 -14.62 -0.91
CA GLU C 35 -1.66 -15.67 -0.70
C GLU C 35 -2.31 -16.07 -2.02
N GLY C 36 -1.67 -15.71 -3.13
CA GLY C 36 -2.20 -16.04 -4.45
C GLY C 36 -3.43 -15.22 -4.79
N ALA C 37 -3.51 -14.02 -4.24
CA ALA C 37 -4.65 -13.14 -4.47
C ALA C 37 -4.22 -11.79 -5.02
N ASN C 38 -5.22 -10.93 -5.20
CA ASN C 38 -5.03 -9.57 -5.68
C ASN C 38 -5.94 -8.72 -4.80
N LEU C 39 -5.72 -7.42 -4.78
CA LEU C 39 -6.63 -6.56 -4.04
C LEU C 39 -7.93 -6.79 -4.83
N ALA C 40 -9.06 -6.85 -4.13
CA ALA C 40 -10.34 -7.15 -4.75
C ALA C 40 -10.90 -6.25 -5.83
N SER C 41 -11.65 -6.86 -6.73
CA SER C 41 -12.36 -6.11 -7.77
C SER C 41 -13.82 -6.28 -7.33
N ILE C 42 -14.65 -5.27 -7.58
CA ILE C 42 -16.06 -5.31 -7.21
C ILE C 42 -16.89 -5.11 -8.48
N HIS C 43 -17.86 -5.98 -8.71
CA HIS C 43 -18.65 -5.93 -9.95
C HIS C 43 -20.17 -5.86 -9.83
N SER C 44 -20.68 -5.71 -8.61
CA SER C 44 -22.13 -5.65 -8.43
C SER C 44 -22.49 -5.18 -7.04
N LEU C 45 -23.74 -4.80 -6.87
CA LEU C 45 -24.24 -4.35 -5.58
C LEU C 45 -24.12 -5.46 -4.55
N GLU C 46 -24.40 -6.69 -4.97
CA GLU C 46 -24.32 -7.84 -4.08
C GLU C 46 -22.88 -8.08 -3.61
N GLU C 47 -21.92 -7.93 -4.53
CA GLU C 47 -20.52 -8.11 -4.18
C GLU C 47 -20.07 -7.00 -3.24
N SER C 48 -20.50 -5.77 -3.52
CA SER C 48 -20.15 -4.63 -2.68
C SER C 48 -20.72 -4.83 -1.28
N THR C 49 -21.95 -5.30 -1.20
CA THR C 49 -22.59 -5.54 0.08
C THR C 49 -21.81 -6.58 0.87
N PHE C 50 -21.38 -7.63 0.18
CA PHE C 50 -20.62 -8.71 0.81
C PHE C 50 -19.27 -8.23 1.38
N VAL C 51 -18.54 -7.45 0.60
CA VAL C 51 -17.23 -6.97 1.05
C VAL C 51 -17.40 -5.98 2.19
N LYS C 52 -18.42 -5.13 2.09
CA LYS C 52 -18.65 -4.15 3.15
C LYS C 52 -18.87 -4.88 4.47
N GLU C 53 -19.54 -6.03 4.43
CA GLU C 53 -19.79 -6.82 5.64
C GLU C 53 -18.47 -7.24 6.27
N LEU C 54 -17.49 -7.53 5.43
CA LEU C 54 -16.19 -7.95 5.94
C LEU C 54 -15.44 -6.80 6.60
N THR C 55 -15.81 -5.57 6.28
CA THR C 55 -15.13 -4.42 6.85
C THR C 55 -15.72 -3.97 8.19
N SER C 56 -16.58 -4.82 8.74
CA SER C 56 -17.26 -4.62 10.03
C SER C 56 -18.37 -3.58 10.02
N ALA C 57 -19.08 -3.48 11.13
CA ALA C 57 -20.16 -2.50 11.26
C ALA C 57 -19.62 -1.09 11.14
N ASP C 58 -18.34 -0.92 11.41
CA ASP C 58 -17.68 0.38 11.31
C ASP C 58 -17.37 0.78 9.85
N LEU C 59 -17.54 -0.16 8.93
CA LEU C 59 -17.26 0.10 7.51
C LEU C 59 -15.94 0.83 7.37
N ILE C 60 -14.87 0.12 7.73
CA ILE C 60 -13.52 0.68 7.67
C ILE C 60 -13.06 1.00 6.26
N PRO C 61 -12.50 2.21 6.05
CA PRO C 61 -12.01 2.63 4.73
C PRO C 61 -10.97 1.62 4.30
N SER C 62 -11.08 1.11 3.08
CA SER C 62 -10.16 0.09 2.62
C SER C 62 -9.75 0.20 1.17
N TRP C 63 -8.54 -0.26 0.87
CA TRP C 63 -8.04 -0.25 -0.50
C TRP C 63 -8.64 -1.43 -1.27
N ILE C 64 -8.95 -1.21 -2.54
CA ILE C 64 -9.39 -2.30 -3.40
C ILE C 64 -8.46 -2.23 -4.60
N GLY C 65 -8.53 -3.21 -5.49
CA GLY C 65 -7.57 -3.26 -6.59
C GLY C 65 -7.68 -2.46 -7.87
N GLY C 66 -8.29 -1.28 -7.84
CA GLY C 66 -8.41 -0.53 -9.07
C GLY C 66 -7.63 0.77 -9.07
N THR C 67 -7.17 1.19 -10.25
CA THR C 67 -6.43 2.45 -10.38
C THR C 67 -6.45 2.96 -11.82
N ASP C 68 -6.18 4.24 -11.99
CA ASP C 68 -6.07 4.83 -13.32
C ASP C 68 -4.73 5.58 -13.30
N CYS C 69 -3.74 4.96 -12.66
CA CYS C 69 -2.41 5.55 -12.49
C CYS C 69 -1.54 5.64 -13.74
N GLN C 70 -1.83 4.82 -14.75
CA GLN C 70 -1.06 4.86 -15.99
C GLN C 70 -1.51 6.02 -16.83
N VAL C 71 -2.79 5.97 -17.24
CA VAL C 71 -3.34 7.06 -18.06
C VAL C 71 -4.62 7.55 -17.39
N SER C 72 -4.63 8.84 -17.04
CA SER C 72 -5.78 9.44 -16.38
C SER C 72 -7.12 9.10 -17.04
N THR C 73 -8.06 8.64 -16.22
CA THR C 73 -9.43 8.27 -16.60
C THR C 73 -9.61 6.85 -17.17
N ARG C 74 -8.51 6.13 -17.35
CA ARG C 74 -8.58 4.76 -17.84
C ARG C 74 -8.36 3.86 -16.62
N TRP C 75 -9.43 3.25 -16.15
CA TRP C 75 -9.41 2.40 -14.97
C TRP C 75 -9.19 0.92 -15.23
N PHE C 76 -8.35 0.31 -14.40
CA PHE C 76 -8.05 -1.12 -14.50
C PHE C 76 -8.06 -1.77 -13.13
N TRP C 77 -8.50 -3.02 -13.10
CA TRP C 77 -8.47 -3.81 -11.87
C TRP C 77 -7.19 -4.63 -12.00
N MET C 78 -6.56 -4.97 -10.88
CA MET C 78 -5.34 -5.78 -10.90
C MET C 78 -5.58 -7.26 -11.22
N ASP C 79 -6.82 -7.73 -11.14
CA ASP C 79 -7.11 -9.14 -11.42
C ASP C 79 -7.59 -9.37 -12.84
N SER C 80 -7.36 -8.36 -13.69
CA SER C 80 -7.73 -8.36 -15.11
C SER C 80 -9.22 -8.48 -15.42
N THR C 81 -10.07 -8.27 -14.42
CA THR C 81 -11.50 -8.34 -14.68
C THR C 81 -11.90 -6.98 -15.24
N SER C 82 -13.12 -6.90 -15.77
CA SER C 82 -13.61 -5.68 -16.38
C SER C 82 -14.12 -4.62 -15.39
N MET C 83 -13.91 -3.35 -15.73
CA MET C 83 -14.41 -2.25 -14.91
C MET C 83 -15.85 -2.04 -15.36
N ASP C 84 -16.75 -2.86 -14.83
CA ASP C 84 -18.15 -2.78 -15.23
C ASP C 84 -19.10 -2.31 -14.14
N TYR C 85 -18.53 -1.85 -13.02
CA TYR C 85 -19.33 -1.40 -11.90
C TYR C 85 -18.54 -0.40 -11.09
N ALA C 86 -19.23 0.61 -10.55
CA ALA C 86 -18.59 1.61 -9.71
C ALA C 86 -19.55 2.09 -8.63
N ASP C 87 -18.99 2.61 -7.55
CA ASP C 87 -19.75 3.11 -6.42
C ASP C 87 -19.09 4.41 -5.96
N TRP C 88 -18.81 5.27 -6.93
CA TRP C 88 -18.15 6.56 -6.71
C TRP C 88 -18.95 7.54 -5.85
N CYS C 89 -18.25 8.28 -5.01
CA CYS C 89 -18.88 9.30 -4.19
C CYS C 89 -19.20 10.46 -5.15
N ALA C 90 -19.98 11.43 -4.70
CA ALA C 90 -20.33 12.56 -5.56
C ALA C 90 -19.09 13.35 -5.98
N ALA C 91 -19.04 13.70 -7.26
CA ALA C 91 -17.93 14.46 -7.84
C ALA C 91 -16.66 13.61 -7.96
N GLN C 92 -16.78 12.33 -7.67
CA GLN C 92 -15.65 11.40 -7.77
C GLN C 92 -15.83 10.59 -9.05
N PRO C 93 -14.74 10.13 -9.66
CA PRO C 93 -13.33 10.29 -9.28
C PRO C 93 -12.71 11.57 -9.83
N ASP C 94 -11.65 12.05 -9.18
CA ASP C 94 -10.97 13.26 -9.65
C ASP C 94 -10.16 12.96 -10.91
N THR C 95 -9.68 11.72 -11.01
CA THR C 95 -8.87 11.23 -12.12
C THR C 95 -7.47 11.84 -12.18
N THR C 96 -7.13 12.65 -11.19
CA THR C 96 -5.81 13.27 -11.14
C THR C 96 -4.82 12.17 -10.80
N LEU C 97 -3.66 12.16 -11.44
CA LEU C 97 -2.68 11.11 -11.19
C LEU C 97 -2.11 11.10 -9.76
N THR C 98 -2.23 12.21 -9.04
CA THR C 98 -1.71 12.26 -7.67
C THR C 98 -2.57 11.44 -6.70
N GLU C 99 -3.79 11.08 -7.12
CA GLU C 99 -4.68 10.29 -6.28
C GLU C 99 -5.36 9.28 -7.20
N CYS C 100 -4.61 8.28 -7.64
CA CYS C 100 -5.15 7.32 -8.61
C CYS C 100 -5.54 5.91 -8.17
N CYS C 101 -5.48 5.62 -6.87
CA CYS C 101 -5.87 4.28 -6.37
C CYS C 101 -7.25 4.35 -5.75
N ILE C 102 -8.08 3.32 -5.97
CA ILE C 102 -9.43 3.33 -5.43
C ILE C 102 -9.54 2.85 -3.99
N GLN C 103 -10.15 3.70 -3.17
CA GLN C 103 -10.37 3.37 -1.77
C GLN C 103 -11.89 3.29 -1.60
N MET C 104 -12.38 2.26 -0.91
CA MET C 104 -13.81 2.13 -0.67
C MET C 104 -14.13 2.51 0.78
N ASN C 105 -15.43 2.64 1.09
CA ASN C 105 -15.87 3.02 2.44
C ASN C 105 -15.35 4.39 2.87
N VAL C 106 -15.22 5.30 1.91
CA VAL C 106 -14.71 6.64 2.20
C VAL C 106 -15.80 7.65 2.54
N GLY C 107 -15.52 8.50 3.52
CA GLY C 107 -16.47 9.51 3.92
C GLY C 107 -17.70 8.97 4.62
N ILE C 108 -18.62 9.86 4.97
CA ILE C 108 -19.83 9.44 5.66
C ILE C 108 -20.74 8.62 4.76
N GLY C 109 -20.59 8.80 3.44
CA GLY C 109 -21.41 8.07 2.49
C GLY C 109 -20.89 6.66 2.20
N LYS C 110 -19.67 6.39 2.65
CA LYS C 110 -19.04 5.08 2.47
C LYS C 110 -18.98 4.61 1.01
N CYS C 111 -18.52 5.49 0.13
CA CYS C 111 -18.43 5.17 -1.29
C CYS C 111 -16.96 5.14 -1.74
N TRP C 112 -16.76 5.05 -3.04
CA TRP C 112 -15.41 5.03 -3.60
C TRP C 112 -14.87 6.43 -3.83
N ASN C 113 -13.56 6.59 -3.62
CA ASN C 113 -12.90 7.88 -3.81
C ASN C 113 -11.47 7.55 -4.23
N ASP C 114 -11.01 8.09 -5.38
CA ASP C 114 -9.63 7.81 -5.78
C ASP C 114 -8.70 8.61 -4.88
N THR C 115 -7.73 7.94 -4.26
CA THR C 115 -6.86 8.65 -3.33
C THR C 115 -5.38 8.35 -3.51
N PRO C 116 -4.51 9.20 -2.95
CA PRO C 116 -3.05 9.00 -3.06
C PRO C 116 -2.69 7.57 -2.66
N CYS C 117 -2.03 6.85 -3.58
CA CYS C 117 -1.68 5.46 -3.33
C CYS C 117 -0.78 5.22 -2.13
N THR C 118 -0.05 6.24 -1.69
CA THR C 118 0.85 6.09 -0.54
C THR C 118 0.17 6.17 0.83
N HIS C 119 -1.12 6.54 0.86
CA HIS C 119 -1.84 6.60 2.14
C HIS C 119 -2.00 5.19 2.70
N LEU C 120 -1.99 5.08 4.01
CA LEU C 120 -2.13 3.78 4.66
C LEU C 120 -3.57 3.43 4.99
N HIS C 121 -4.02 2.28 4.50
CA HIS C 121 -5.37 1.84 4.77
C HIS C 121 -5.46 0.32 4.83
N SER C 122 -6.54 -0.16 5.44
CA SER C 122 -6.80 -1.58 5.51
C SER C 122 -7.10 -1.95 4.06
N SER C 123 -7.35 -3.22 3.78
CA SER C 123 -7.61 -3.62 2.40
C SER C 123 -8.41 -4.90 2.27
N ILE C 124 -8.92 -5.14 1.06
CA ILE C 124 -9.71 -6.32 0.76
C ILE C 124 -8.97 -7.14 -0.30
N CYS C 125 -8.73 -8.42 -0.01
CA CYS C 125 -8.07 -9.32 -0.96
C CYS C 125 -9.11 -10.31 -1.51
N ALA C 126 -8.84 -10.85 -2.69
CA ALA C 126 -9.75 -11.79 -3.30
C ALA C 126 -9.03 -12.68 -4.31
N LYS C 127 -9.53 -13.91 -4.46
CA LYS C 127 -8.97 -14.86 -5.42
C LYS C 127 -10.03 -15.90 -5.75
N PRO C 128 -9.93 -16.53 -6.93
CA PRO C 128 -10.94 -17.54 -7.27
C PRO C 128 -10.98 -18.75 -6.36
N LEU C 129 -12.16 -19.32 -6.21
CA LEU C 129 -12.36 -20.50 -5.38
C LEU C 129 -11.74 -21.66 -6.16
N LYS C 130 -11.00 -22.52 -5.47
CA LYS C 130 -10.37 -23.66 -6.14
C LYS C 130 -11.14 -24.96 -5.91
N CYS D 4 -0.56 38.79 8.66
CA CYS D 4 0.14 38.51 7.38
C CYS D 4 -0.70 38.93 6.19
N PRO D 5 -0.06 39.14 5.03
CA PRO D 5 -0.81 39.55 3.85
C PRO D 5 -1.79 38.47 3.41
N THR D 6 -2.89 38.90 2.82
CA THR D 6 -3.95 38.04 2.34
C THR D 6 -3.78 36.52 2.49
N ASP D 7 -3.19 35.87 1.48
CA ASP D 7 -3.03 34.42 1.48
C ASP D 7 -1.85 33.82 2.26
N TRP D 8 -1.19 34.61 3.09
CA TRP D 8 -0.06 34.11 3.85
C TRP D 8 -0.47 33.68 5.25
N LYS D 9 0.18 32.63 5.76
CA LYS D 9 -0.13 32.11 7.08
C LYS D 9 0.95 32.46 8.09
N MET D 10 0.53 32.96 9.24
CA MET D 10 1.46 33.40 10.27
C MET D 10 1.97 32.32 11.22
N PHE D 11 3.25 32.42 11.57
CA PHE D 11 3.87 31.51 12.52
C PHE D 11 5.11 32.11 13.16
N ASN D 12 5.03 32.38 14.46
CA ASN D 12 6.18 32.89 15.19
C ASN D 12 6.92 34.08 14.58
N GLY D 13 6.19 35.12 14.18
CA GLY D 13 6.84 36.29 13.61
C GLY D 13 7.18 36.26 12.13
N ARG D 14 6.82 35.17 11.45
CA ARG D 14 7.07 35.05 10.02
C ARG D 14 5.77 34.71 9.31
N CYS D 15 5.72 34.97 8.01
CA CYS D 15 4.57 34.68 7.18
C CYS D 15 4.98 33.64 6.14
N PHE D 16 4.19 32.57 6.03
CA PHE D 16 4.51 31.50 5.09
C PHE D 16 3.46 31.35 4.00
N LEU D 17 3.88 30.79 2.86
CA LEU D 17 2.98 30.56 1.75
C LEU D 17 3.40 29.34 0.96
N PHE D 18 2.43 28.50 0.65
CA PHE D 18 2.68 27.31 -0.13
C PHE D 18 2.41 27.67 -1.58
N ASN D 19 3.39 27.42 -2.45
CA ASN D 19 3.22 27.67 -3.88
C ASN D 19 3.10 26.33 -4.59
N PRO D 20 1.88 25.96 -5.02
CA PRO D 20 1.66 24.69 -5.70
C PRO D 20 2.31 24.54 -7.07
N LEU D 21 2.52 25.65 -7.76
CA LEU D 21 3.13 25.62 -9.09
C LEU D 21 4.46 24.86 -9.07
N GLN D 22 4.63 23.91 -9.98
CA GLN D 22 5.85 23.11 -10.06
C GLN D 22 6.95 23.90 -10.78
N LEU D 23 7.99 24.27 -10.05
CA LEU D 23 9.09 25.06 -10.62
C LEU D 23 10.45 24.51 -10.19
N HIS D 24 11.51 24.79 -10.95
CA HIS D 24 12.82 24.35 -10.48
C HIS D 24 13.16 25.29 -9.33
N TRP D 25 14.19 24.97 -8.57
CA TRP D 25 14.53 25.75 -7.38
C TRP D 25 14.72 27.24 -7.64
N ALA D 26 15.45 27.58 -8.71
CA ALA D 26 15.71 28.97 -9.04
C ALA D 26 14.42 29.74 -9.33
N ASP D 27 13.53 29.15 -10.12
CA ASP D 27 12.27 29.82 -10.43
C ASP D 27 11.43 29.95 -9.16
N ALA D 28 11.51 28.96 -8.28
CA ALA D 28 10.75 28.98 -7.03
C ALA D 28 11.23 30.14 -6.15
N GLN D 29 12.54 30.31 -6.07
CA GLN D 29 13.12 31.39 -5.26
C GLN D 29 12.75 32.75 -5.86
N GLU D 30 12.84 32.85 -7.18
CA GLU D 30 12.50 34.09 -7.88
C GLU D 30 11.04 34.48 -7.63
N SER D 31 10.17 33.48 -7.54
CA SER D 31 8.75 33.74 -7.29
C SER D 31 8.56 34.29 -5.87
N CYS D 32 9.32 33.77 -4.92
CA CYS D 32 9.18 34.26 -3.55
C CYS D 32 9.68 35.70 -3.50
N MET D 33 10.74 36.00 -4.25
CA MET D 33 11.32 37.34 -4.26
C MET D 33 10.37 38.41 -4.78
N LYS D 34 9.44 38.03 -5.63
CA LYS D 34 8.47 38.99 -6.17
C LYS D 34 7.53 39.46 -5.08
N GLU D 35 7.49 38.72 -3.98
CA GLU D 35 6.63 39.06 -2.86
C GLU D 35 7.45 39.52 -1.66
N GLY D 36 8.72 39.81 -1.88
CA GLY D 36 9.57 40.27 -0.79
C GLY D 36 9.87 39.15 0.17
N ALA D 37 9.90 37.93 -0.36
CA ALA D 37 10.16 36.74 0.43
C ALA D 37 11.31 35.91 -0.15
N ASN D 38 11.58 34.79 0.52
CA ASN D 38 12.61 33.85 0.12
C ASN D 38 12.02 32.47 0.32
N LEU D 39 12.61 31.47 -0.33
CA LEU D 39 12.18 30.10 -0.08
C LEU D 39 12.41 29.96 1.42
N ALA D 40 11.52 29.24 2.11
CA ALA D 40 11.59 29.12 3.55
C ALA D 40 12.77 28.42 4.20
N SER D 41 13.17 28.94 5.36
CA SER D 41 14.21 28.34 6.17
C SER D 41 13.39 27.71 7.31
N ILE D 42 13.88 26.62 7.87
CA ILE D 42 13.19 25.90 8.95
C ILE D 42 14.18 25.74 10.10
N HIS D 43 13.78 26.14 11.30
CA HIS D 43 14.68 26.12 12.45
C HIS D 43 14.26 25.29 13.66
N SER D 44 13.18 24.53 13.55
CA SER D 44 12.73 23.71 14.67
C SER D 44 11.67 22.71 14.23
N LEU D 45 11.45 21.69 15.06
CA LEU D 45 10.43 20.68 14.75
C LEU D 45 9.06 21.36 14.70
N GLU D 46 8.84 22.29 15.62
CA GLU D 46 7.59 23.03 15.68
C GLU D 46 7.34 23.74 14.35
N GLU D 47 8.37 24.42 13.84
CA GLU D 47 8.26 25.14 12.58
C GLU D 47 8.07 24.18 11.40
N SER D 48 8.78 23.06 11.43
CA SER D 48 8.66 22.07 10.37
C SER D 48 7.24 21.53 10.32
N THR D 49 6.69 21.24 11.49
CA THR D 49 5.34 20.70 11.56
C THR D 49 4.31 21.72 11.08
N PHE D 50 4.56 22.99 11.36
CA PHE D 50 3.65 24.04 10.92
C PHE D 50 3.66 24.14 9.40
N VAL D 51 4.85 24.18 8.81
CA VAL D 51 4.96 24.28 7.36
C VAL D 51 4.34 23.07 6.66
N LYS D 52 4.47 21.89 7.25
CA LYS D 52 3.91 20.69 6.66
C LYS D 52 2.41 20.83 6.48
N GLU D 53 1.75 21.43 7.47
CA GLU D 53 0.31 21.62 7.40
C GLU D 53 -0.09 22.54 6.25
N LEU D 54 0.85 23.31 5.72
CA LEU D 54 0.56 24.20 4.61
C LEU D 54 0.62 23.45 3.27
N THR D 55 1.17 22.25 3.28
CA THR D 55 1.33 21.47 2.06
C THR D 55 0.21 20.47 1.83
N SER D 56 -0.89 20.66 2.54
CA SER D 56 -2.10 19.83 2.48
C SER D 56 -1.96 18.52 3.26
N ALA D 57 -3.08 17.84 3.45
CA ALA D 57 -3.06 16.57 4.18
C ALA D 57 -2.19 15.57 3.43
N ASP D 58 -1.98 15.82 2.14
CA ASP D 58 -1.17 14.93 1.32
C ASP D 58 0.34 15.14 1.50
N LEU D 59 0.73 16.21 2.17
CA LEU D 59 2.14 16.51 2.44
C LEU D 59 2.96 16.48 1.14
N ILE D 60 2.67 17.44 0.28
CA ILE D 60 3.30 17.54 -1.02
C ILE D 60 4.78 17.91 -0.97
N PRO D 61 5.62 17.16 -1.68
CA PRO D 61 7.06 17.41 -1.74
C PRO D 61 7.26 18.84 -2.18
N SER D 62 8.10 19.58 -1.45
CA SER D 62 8.27 20.99 -1.76
C SER D 62 9.68 21.50 -1.55
N TRP D 63 10.07 22.47 -2.35
CA TRP D 63 11.38 23.09 -2.23
C TRP D 63 11.40 24.03 -1.02
N ILE D 64 12.53 24.07 -0.31
CA ILE D 64 12.67 25.05 0.76
C ILE D 64 13.99 25.78 0.43
N GLY D 65 14.32 26.85 1.15
CA GLY D 65 15.48 27.64 0.79
C GLY D 65 16.90 27.26 1.16
N GLY D 66 17.20 25.98 1.27
CA GLY D 66 18.55 25.57 1.63
C GLY D 66 19.33 24.86 0.54
N THR D 67 20.64 25.06 0.53
CA THR D 67 21.50 24.41 -0.45
C THR D 67 22.96 24.40 -0.01
N ASP D 68 23.74 23.48 -0.56
CA ASP D 68 25.18 23.43 -0.28
C ASP D 68 25.81 23.35 -1.66
N CYS D 69 25.24 24.13 -2.58
CA CYS D 69 25.71 24.14 -3.97
C CYS D 69 27.04 24.84 -4.23
N GLN D 70 27.52 25.63 -3.28
CA GLN D 70 28.78 26.34 -3.45
C GLN D 70 29.95 25.44 -3.07
N VAL D 71 29.94 24.98 -1.82
CA VAL D 71 30.98 24.09 -1.31
C VAL D 71 30.25 22.93 -0.62
N SER D 72 30.47 21.73 -1.15
CA SER D 72 29.83 20.53 -0.61
C SER D 72 29.93 20.45 0.92
N THR D 73 28.79 20.15 1.55
CA THR D 73 28.63 20.01 3.01
C THR D 73 28.49 21.33 3.77
N ARG D 74 28.60 22.46 3.08
CA ARG D 74 28.44 23.76 3.74
C ARG D 74 27.06 24.29 3.35
N TRP D 75 26.11 24.11 4.26
CA TRP D 75 24.72 24.50 4.04
C TRP D 75 24.36 25.95 4.36
N PHE D 76 23.57 26.56 3.48
CA PHE D 76 23.12 27.93 3.65
C PHE D 76 21.65 28.10 3.31
N TRP D 77 20.99 29.01 4.03
CA TRP D 77 19.59 29.34 3.78
C TRP D 77 19.62 30.64 2.97
N MET D 78 18.69 30.82 2.05
CA MET D 78 18.66 32.04 1.24
C MET D 78 18.30 33.29 2.03
N ASP D 79 17.72 33.13 3.21
CA ASP D 79 17.35 34.29 4.02
C ASP D 79 18.42 34.67 5.04
N SER D 80 19.61 34.10 4.86
CA SER D 80 20.76 34.34 5.71
C SER D 80 20.58 34.04 7.21
N THR D 81 19.68 33.10 7.52
CA THR D 81 19.49 32.69 8.92
C THR D 81 20.42 31.50 9.10
N SER D 82 20.62 31.10 10.35
CA SER D 82 21.51 30.00 10.67
C SER D 82 20.98 28.60 10.38
N MET D 83 21.87 27.72 9.98
CA MET D 83 21.53 26.33 9.72
C MET D 83 21.63 25.67 11.09
N ASP D 84 20.55 25.73 11.86
CA ASP D 84 20.55 25.16 13.21
C ASP D 84 19.57 24.02 13.40
N TYR D 85 19.00 23.53 12.31
CA TYR D 85 18.04 22.44 12.40
C TYR D 85 17.97 21.73 11.06
N ALA D 86 17.70 20.43 11.10
CA ALA D 86 17.56 19.64 9.89
C ALA D 86 16.63 18.49 10.16
N ASP D 87 16.00 17.98 9.11
CA ASP D 87 15.08 16.86 9.23
C ASP D 87 15.41 15.89 8.09
N TRP D 88 16.68 15.52 8.00
CA TRP D 88 17.17 14.63 6.95
C TRP D 88 16.59 13.22 6.96
N CYS D 89 16.28 12.72 5.77
CA CYS D 89 15.80 11.36 5.63
C CYS D 89 16.98 10.45 5.95
N ALA D 90 16.71 9.20 6.29
CA ALA D 90 17.80 8.27 6.56
C ALA D 90 18.72 8.27 5.34
N ALA D 91 20.03 8.26 5.59
CA ALA D 91 21.03 8.26 4.52
C ALA D 91 21.15 9.59 3.75
N GLN D 92 20.51 10.64 4.26
CA GLN D 92 20.59 11.96 3.64
C GLN D 92 21.37 12.84 4.61
N PRO D 93 22.03 13.89 4.10
CA PRO D 93 22.11 14.32 2.71
C PRO D 93 23.26 13.62 1.98
N ASP D 94 23.20 13.60 0.64
CA ASP D 94 24.28 12.99 -0.12
C ASP D 94 25.48 13.93 -0.23
N THR D 95 25.20 15.23 -0.17
CA THR D 95 26.21 16.30 -0.25
C THR D 95 26.87 16.45 -1.62
N THR D 96 26.41 15.67 -2.59
CA THR D 96 26.97 15.73 -3.95
C THR D 96 26.47 17.00 -4.63
N LEU D 97 27.33 17.63 -5.43
CA LEU D 97 26.93 18.86 -6.11
C LEU D 97 25.79 18.67 -7.11
N THR D 98 25.63 17.44 -7.62
CA THR D 98 24.57 17.17 -8.58
C THR D 98 23.17 17.26 -7.98
N GLU D 99 23.08 17.18 -6.65
CA GLU D 99 21.79 17.27 -5.97
C GLU D 99 22.00 18.09 -4.72
N CYS D 100 22.15 19.40 -4.90
CA CYS D 100 22.45 20.26 -3.76
C CYS D 100 21.36 21.17 -3.20
N CYS D 101 20.11 21.05 -3.66
CA CYS D 101 19.02 21.87 -3.14
C CYS D 101 18.15 21.07 -2.18
N ILE D 102 17.68 21.68 -1.10
CA ILE D 102 16.87 20.90 -0.15
C ILE D 102 15.39 20.84 -0.49
N GLN D 103 14.88 19.61 -0.59
CA GLN D 103 13.47 19.34 -0.84
C GLN D 103 12.90 18.71 0.44
N MET D 104 11.71 19.12 0.87
CA MET D 104 11.10 18.55 2.07
C MET D 104 9.89 17.69 1.66
N ASN D 105 9.30 16.98 2.62
CA ASN D 105 8.16 16.09 2.37
C ASN D 105 8.52 15.05 1.30
N VAL D 106 9.75 14.56 1.32
CA VAL D 106 10.18 13.59 0.33
C VAL D 106 9.98 12.14 0.79
N GLY D 107 9.52 11.31 -0.12
CA GLY D 107 9.32 9.90 0.16
C GLY D 107 8.24 9.57 1.18
N ILE D 108 8.14 8.31 1.54
CA ILE D 108 7.11 7.91 2.50
C ILE D 108 7.42 8.46 3.88
N GLY D 109 8.68 8.82 4.13
CA GLY D 109 9.06 9.37 5.41
C GLY D 109 8.79 10.86 5.57
N LYS D 110 8.48 11.53 4.46
CA LYS D 110 8.21 12.97 4.47
C LYS D 110 9.30 13.79 5.16
N CYS D 111 10.54 13.48 4.82
CA CYS D 111 11.70 14.16 5.40
C CYS D 111 12.46 14.94 4.32
N TRP D 112 13.64 15.45 4.67
CA TRP D 112 14.44 16.24 3.74
C TRP D 112 15.39 15.38 2.92
N ASN D 113 15.57 15.75 1.66
CA ASN D 113 16.45 15.02 0.77
C ASN D 113 17.11 16.07 -0.13
N ASP D 114 18.43 16.11 -0.26
CA ASP D 114 19.00 17.10 -1.17
C ASP D 114 18.77 16.57 -2.58
N THR D 115 18.27 17.41 -3.48
CA THR D 115 17.94 16.92 -4.82
C THR D 115 18.35 17.85 -5.94
N PRO D 116 18.43 17.33 -7.18
CA PRO D 116 18.82 18.18 -8.32
C PRO D 116 17.94 19.42 -8.37
N CYS D 117 18.58 20.59 -8.35
CA CYS D 117 17.85 21.85 -8.35
C CYS D 117 16.97 22.09 -9.57
N THR D 118 17.22 21.38 -10.66
CA THR D 118 16.44 21.55 -11.87
C THR D 118 15.10 20.81 -11.83
N HIS D 119 14.92 19.94 -10.83
CA HIS D 119 13.66 19.21 -10.71
C HIS D 119 12.52 20.17 -10.38
N LEU D 120 11.34 19.91 -10.94
CA LEU D 120 10.18 20.77 -10.69
C LEU D 120 9.38 20.35 -9.48
N HIS D 121 9.18 21.27 -8.54
CA HIS D 121 8.40 20.97 -7.35
C HIS D 121 7.69 22.20 -6.81
N SER D 122 6.67 21.94 -6.01
CA SER D 122 5.94 23.00 -5.33
C SER D 122 6.97 23.60 -4.39
N SER D 123 6.62 24.66 -3.70
CA SER D 123 7.58 25.28 -2.79
C SER D 123 6.93 26.04 -1.63
N ILE D 124 7.75 26.36 -0.64
CA ILE D 124 7.30 27.10 0.54
C ILE D 124 8.06 28.43 0.62
N CYS D 125 7.33 29.54 0.69
CA CYS D 125 7.96 30.86 0.79
C CYS D 125 7.76 31.39 2.20
N ALA D 126 8.63 32.30 2.62
CA ALA D 126 8.54 32.89 3.96
C ALA D 126 9.16 34.29 4.01
N LYS D 127 8.64 35.12 4.91
CA LYS D 127 9.16 36.47 5.08
C LYS D 127 8.70 36.98 6.44
N PRO D 128 9.47 37.90 7.05
CA PRO D 128 9.10 38.44 8.35
C PRO D 128 7.75 39.16 8.34
N LEU D 129 7.10 39.18 9.50
CA LEU D 129 5.81 39.85 9.66
C LEU D 129 6.11 41.34 9.75
N LYS D 130 5.30 42.16 9.09
CA LYS D 130 5.51 43.61 9.12
C LYS D 130 4.58 44.32 10.10
N CYS E 4 8.86 33.88 25.51
CA CYS E 4 8.07 33.21 26.59
C CYS E 4 8.92 32.88 27.81
N PRO E 5 8.29 32.75 28.98
CA PRO E 5 9.02 32.43 30.20
C PRO E 5 9.70 31.06 30.12
N THR E 6 10.84 30.96 30.80
CA THR E 6 11.67 29.76 30.85
C THR E 6 11.20 28.46 30.21
N ASP E 7 10.28 27.76 30.86
CA ASP E 7 9.82 26.46 30.34
C ASP E 7 8.52 26.45 29.53
N TRP E 8 8.15 27.60 28.98
CA TRP E 8 6.95 27.69 28.17
C TRP E 8 7.33 27.70 26.69
N LYS E 9 6.44 27.19 25.84
CA LYS E 9 6.68 27.11 24.40
C LYS E 9 5.78 28.12 23.68
N MET E 10 6.34 28.84 22.73
CA MET E 10 5.60 29.87 22.00
C MET E 10 4.90 29.44 20.71
N PHE E 11 3.67 29.91 20.55
CA PHE E 11 2.89 29.66 19.35
C PHE E 11 1.98 30.86 19.09
N ASN E 12 2.34 31.67 18.08
CA ASN E 12 1.57 32.84 17.69
C ASN E 12 0.94 33.71 18.77
N GLY E 13 1.76 34.38 19.57
CA GLY E 13 1.20 35.27 20.59
C GLY E 13 0.83 34.68 21.94
N ARG E 14 0.98 33.37 22.08
CA ARG E 14 0.67 32.72 23.34
C ARG E 14 1.77 31.75 23.70
N CYS E 15 1.91 31.52 25.00
CA CYS E 15 2.92 30.59 25.52
C CYS E 15 2.17 29.41 26.12
N PHE E 16 2.65 28.19 25.87
CA PHE E 16 1.99 26.99 26.37
C PHE E 16 2.90 26.17 27.28
N LEU E 17 2.28 25.43 28.20
CA LEU E 17 3.03 24.58 29.11
C LEU E 17 2.22 23.33 29.42
N PHE E 18 2.88 22.16 29.33
CA PHE E 18 2.25 20.89 29.65
C PHE E 18 2.52 20.66 31.13
N ASN E 19 1.46 20.39 31.88
CA ASN E 19 1.57 20.13 33.32
C ASN E 19 1.32 18.64 33.51
N PRO E 20 2.38 17.84 33.75
CA PRO E 20 2.19 16.40 33.92
C PRO E 20 1.43 15.98 35.19
N LEU E 21 1.34 16.87 36.16
CA LEU E 21 0.62 16.56 37.40
C LEU E 21 -0.80 16.05 37.11
N GLN E 22 -1.21 15.00 37.83
CA GLN E 22 -2.55 14.40 37.68
C GLN E 22 -3.53 15.13 38.59
N LEU E 23 -4.37 15.98 38.01
CA LEU E 23 -5.31 16.78 38.78
C LEU E 23 -6.72 16.76 38.18
N HIS E 24 -7.75 17.00 38.99
CA HIS E 24 -9.07 17.07 38.38
C HIS E 24 -9.11 18.41 37.66
N TRP E 25 -10.13 18.65 36.85
CA TRP E 25 -10.19 19.87 36.06
C TRP E 25 -10.00 21.18 36.82
N ALA E 26 -10.69 21.31 37.95
CA ALA E 26 -10.59 22.53 38.74
C ALA E 26 -9.20 22.78 39.30
N ASP E 27 -8.55 21.73 39.79
CA ASP E 27 -7.21 21.89 40.33
C ASP E 27 -6.23 22.23 39.22
N ALA E 28 -6.47 21.71 38.03
CA ALA E 28 -5.61 21.96 36.89
C ALA E 28 -5.72 23.43 36.50
N GLN E 29 -6.93 23.96 36.49
CA GLN E 29 -7.16 25.35 36.15
C GLN E 29 -6.51 26.23 37.22
N GLU E 30 -6.71 25.88 38.49
CA GLU E 30 -6.12 26.66 39.59
C GLU E 30 -4.60 26.64 39.46
N SER E 31 -4.06 25.52 39.01
CA SER E 31 -2.62 25.38 38.85
C SER E 31 -2.13 26.34 37.76
N CYS E 32 -2.86 26.41 36.64
CA CYS E 32 -2.48 27.31 35.57
C CYS E 32 -2.56 28.75 36.08
N MET E 33 -3.59 29.07 36.86
CA MET E 33 -3.76 30.42 37.37
C MET E 33 -2.60 30.87 38.27
N LYS E 34 -1.95 29.91 38.93
CA LYS E 34 -0.81 30.25 39.79
C LYS E 34 0.28 30.88 38.93
N GLU E 35 0.29 30.53 37.66
CA GLU E 35 1.30 31.04 36.73
C GLU E 35 0.74 32.09 35.76
N GLY E 36 -0.34 32.75 36.17
CA GLY E 36 -0.94 33.78 35.34
C GLY E 36 -1.54 33.26 34.04
N ALA E 37 -1.89 31.98 34.01
CA ALA E 37 -2.46 31.38 32.82
C ALA E 37 -3.83 30.73 33.06
N ASN E 38 -4.33 30.10 32.01
CA ASN E 38 -5.61 29.40 32.02
C ASN E 38 -5.38 28.06 31.33
N LEU E 39 -6.28 27.10 31.56
CA LEU E 39 -6.16 25.84 30.84
C LEU E 39 -6.34 26.34 29.40
N ALA E 40 -5.56 25.79 28.49
CA ALA E 40 -5.54 26.22 27.10
C ALA E 40 -6.80 26.11 26.26
N SER E 41 -6.93 27.03 25.32
CA SER E 41 -8.04 27.00 24.36
C SER E 41 -7.34 26.64 23.04
N ILE E 42 -8.03 25.94 22.14
CA ILE E 42 -7.45 25.54 20.86
C ILE E 42 -8.39 26.05 19.77
N HIS E 43 -7.83 26.70 18.76
CA HIS E 43 -8.64 27.29 17.71
C HIS E 43 -8.34 26.87 16.27
N SER E 44 -7.52 25.84 16.10
CA SER E 44 -7.17 25.41 14.75
C SER E 44 -6.41 24.10 14.79
N LEU E 45 -6.35 23.43 13.65
CA LEU E 45 -5.62 22.17 13.56
C LEU E 45 -4.16 22.44 13.86
N GLU E 46 -3.66 23.60 13.43
CA GLU E 46 -2.28 23.99 13.64
C GLU E 46 -1.97 24.07 15.13
N GLU E 47 -2.86 24.72 15.89
CA GLU E 47 -2.64 24.83 17.32
C GLU E 47 -2.76 23.47 18.00
N SER E 48 -3.69 22.65 17.53
CA SER E 48 -3.90 21.33 18.10
C SER E 48 -2.64 20.49 17.94
N THR E 49 -2.09 20.51 16.73
CA THR E 49 -0.89 19.76 16.41
C THR E 49 0.27 20.21 17.27
N PHE E 50 0.39 21.52 17.46
CA PHE E 50 1.45 22.09 18.27
C PHE E 50 1.32 21.63 19.72
N VAL E 51 0.12 21.77 20.28
CA VAL E 51 -0.08 21.36 21.65
C VAL E 51 0.24 19.88 21.85
N LYS E 52 -0.12 19.05 20.88
CA LYS E 52 0.16 17.62 21.01
C LYS E 52 1.66 17.37 21.12
N GLU E 53 2.45 18.24 20.49
CA GLU E 53 3.90 18.12 20.52
C GLU E 53 4.46 18.26 21.94
N LEU E 54 3.66 18.81 22.85
CA LEU E 54 4.10 18.99 24.24
C LEU E 54 3.69 17.86 25.16
N THR E 55 2.86 16.95 24.65
CA THR E 55 2.34 15.85 25.46
C THR E 55 3.10 14.52 25.38
N SER E 56 4.37 14.60 24.96
CA SER E 56 5.24 13.42 24.84
C SER E 56 4.85 12.50 23.69
N ALA E 57 5.71 11.52 23.42
CA ALA E 57 5.48 10.55 22.34
C ALA E 57 4.21 9.74 22.57
N ASP E 58 3.86 9.54 23.84
CA ASP E 58 2.68 8.77 24.18
C ASP E 58 1.37 9.57 24.05
N LEU E 59 1.48 10.84 23.68
CA LEU E 59 0.28 11.70 23.53
C LEU E 59 -0.67 11.53 24.72
N ILE E 60 -0.17 11.96 25.87
CA ILE E 60 -0.88 11.86 27.15
C ILE E 60 -2.20 12.64 27.18
N PRO E 61 -3.29 11.97 27.60
CA PRO E 61 -4.62 12.59 27.67
C PRO E 61 -4.47 13.80 28.60
N SER E 62 -5.01 14.94 28.21
CA SER E 62 -4.85 16.13 29.02
C SER E 62 -6.08 17.02 29.06
N TRP E 63 -6.27 17.69 30.19
CA TRP E 63 -7.38 18.62 30.32
C TRP E 63 -7.05 19.88 29.52
N ILE E 64 -8.08 20.46 28.90
CA ILE E 64 -7.94 21.73 28.22
C ILE E 64 -9.03 22.62 28.83
N GLY E 65 -8.97 23.92 28.55
CA GLY E 65 -9.90 24.86 29.18
C GLY E 65 -11.34 25.02 28.74
N GLY E 66 -11.96 23.98 28.20
CA GLY E 66 -13.34 24.12 27.75
C GLY E 66 -14.36 23.29 28.51
N THR E 67 -15.58 23.80 28.64
CA THR E 67 -16.63 23.06 29.33
C THR E 67 -18.00 23.61 28.93
N ASP E 68 -19.04 22.81 29.15
CA ASP E 68 -20.42 23.24 28.92
C ASP E 68 -21.14 22.85 30.21
N CYS E 69 -20.46 23.09 31.33
CA CYS E 69 -21.00 22.74 32.65
C CYS E 69 -22.11 23.62 33.17
N GLN E 70 -22.35 24.78 32.56
CA GLN E 70 -23.42 25.65 33.03
C GLN E 70 -24.73 25.26 32.35
N VAL E 71 -24.74 25.31 31.02
CA VAL E 71 -25.92 24.94 30.24
C VAL E 71 -25.47 23.98 29.16
N SER E 72 -26.02 22.77 29.20
CA SER E 72 -25.68 21.72 28.23
C SER E 72 -25.67 22.25 26.79
N THR E 73 -24.62 21.91 26.06
CA THR E 73 -24.37 22.30 24.67
C THR E 73 -23.83 23.72 24.45
N ARG E 74 -23.71 24.50 25.52
CA ARG E 74 -23.15 25.85 25.38
C ARG E 74 -21.71 25.76 25.86
N TRP E 75 -20.78 25.68 24.92
CA TRP E 75 -19.36 25.56 25.25
C TRP E 75 -18.63 26.87 25.44
N PHE E 76 -17.76 26.93 26.45
CA PHE E 76 -16.98 28.13 26.75
C PHE E 76 -15.52 27.79 27.09
N TRP E 77 -14.61 28.67 26.70
CA TRP E 77 -13.18 28.52 27.02
C TRP E 77 -12.96 29.42 28.24
N MET E 78 -12.07 29.02 29.13
CA MET E 78 -11.79 29.82 30.33
C MET E 78 -10.99 31.10 30.02
N ASP E 79 -10.40 31.19 28.84
CA ASP E 79 -9.63 32.40 28.50
C ASP E 79 -10.45 33.40 27.69
N SER E 80 -11.77 33.21 27.69
CA SER E 80 -12.72 34.07 27.00
C SER E 80 -12.56 34.20 25.48
N THR E 81 -11.95 33.20 24.84
CA THR E 81 -11.81 33.24 23.40
C THR E 81 -13.01 32.50 22.84
N SER E 82 -13.27 32.66 21.54
CA SER E 82 -14.41 32.04 20.91
C SER E 82 -14.28 30.54 20.64
N MET E 83 -15.39 29.83 20.74
CA MET E 83 -15.42 28.39 20.45
C MET E 83 -15.62 28.33 18.93
N ASP E 84 -14.51 28.37 18.20
CA ASP E 84 -14.59 28.36 16.75
C ASP E 84 -13.94 27.13 16.12
N TYR E 85 -13.53 26.18 16.95
CA TYR E 85 -12.87 24.99 16.45
C TYR E 85 -13.03 23.85 17.45
N ALA E 86 -13.14 22.63 16.94
CA ALA E 86 -13.26 21.47 17.81
C ALA E 86 -12.65 20.26 17.14
N ASP E 87 -12.14 19.32 17.94
CA ASP E 87 -11.55 18.11 17.43
C ASP E 87 -12.19 16.92 18.14
N TRP E 88 -13.53 16.91 18.15
CA TRP E 88 -14.28 15.85 18.82
C TRP E 88 -14.09 14.46 18.24
N CYS E 89 -13.99 13.48 19.13
CA CYS E 89 -13.89 12.08 18.70
C CYS E 89 -15.26 11.73 18.12
N ALA E 90 -15.32 10.60 17.42
CA ALA E 90 -16.60 10.17 16.86
C ALA E 90 -17.58 9.97 18.02
N ALA E 91 -18.81 10.43 17.84
CA ALA E 91 -19.85 10.31 18.87
C ALA E 91 -19.72 11.31 20.02
N GLN E 92 -18.74 12.20 19.93
CA GLN E 92 -18.53 13.22 20.98
C GLN E 92 -18.95 14.57 20.40
N PRO E 93 -19.39 15.50 21.25
CA PRO E 93 -19.53 15.38 22.71
C PRO E 93 -20.89 14.81 23.09
N ASP E 94 -20.98 14.21 24.27
CA ASP E 94 -22.24 13.65 24.74
C ASP E 94 -23.17 14.76 25.25
N THR E 95 -22.55 15.83 25.75
CA THR E 95 -23.22 17.01 26.29
C THR E 95 -23.92 16.84 27.64
N THR E 96 -23.75 15.68 28.28
CA THR E 96 -24.36 15.45 29.59
C THR E 96 -23.65 16.34 30.59
N LEU E 97 -24.38 16.94 31.53
CA LEU E 97 -23.75 17.82 32.51
C LEU E 97 -22.79 17.07 33.43
N THR E 98 -22.97 15.76 33.53
CA THR E 98 -22.12 14.94 34.39
C THR E 98 -20.73 14.69 33.81
N GLU E 99 -20.51 15.06 32.55
CA GLU E 99 -19.21 14.87 31.88
C GLU E 99 -19.01 16.11 31.03
N CYS E 100 -18.88 17.26 31.68
CA CYS E 100 -18.80 18.51 30.93
C CYS E 100 -17.47 19.20 30.66
N CYS E 101 -16.35 18.61 31.08
CA CYS E 101 -15.05 19.21 30.85
C CYS E 101 -14.37 18.56 29.64
N ILE E 102 -13.67 19.34 28.81
CA ILE E 102 -13.02 18.77 27.64
C ILE E 102 -11.66 18.16 27.92
N GLN E 103 -11.48 16.92 27.50
CA GLN E 103 -10.20 16.22 27.64
C GLN E 103 -9.70 15.97 26.21
N MET E 104 -8.43 16.24 25.93
CA MET E 104 -7.87 16.01 24.59
C MET E 104 -6.95 14.79 24.61
N ASN E 105 -6.49 14.35 23.44
CA ASN E 105 -5.63 13.16 23.34
C ASN E 105 -6.32 11.89 23.84
N VAL E 106 -7.62 11.79 23.59
CA VAL E 106 -8.41 10.64 24.02
C VAL E 106 -8.61 9.59 22.93
N GLY E 107 -8.56 8.32 23.32
CA GLY E 107 -8.79 7.23 22.39
C GLY E 107 -7.75 7.00 21.31
N ILE E 108 -8.08 6.06 20.43
CA ILE E 108 -7.20 5.70 19.33
C ILE E 108 -6.92 6.90 18.43
N GLY E 109 -7.92 7.76 18.26
CA GLY E 109 -7.76 8.91 17.40
C GLY E 109 -7.13 10.13 18.06
N LYS E 110 -6.91 10.05 19.37
CA LYS E 110 -6.31 11.16 20.11
C LYS E 110 -7.08 12.45 19.84
N CYS E 111 -8.38 12.39 20.06
CA CYS E 111 -9.27 13.53 19.84
C CYS E 111 -9.89 14.01 21.18
N TRP E 112 -10.89 14.87 21.09
CA TRP E 112 -11.54 15.41 22.29
C TRP E 112 -12.75 14.61 22.75
N ASN E 113 -12.92 14.53 24.07
CA ASN E 113 -14.04 13.81 24.66
C ASN E 113 -14.52 14.64 25.84
N ASP E 114 -15.83 14.85 26.01
CA ASP E 114 -16.21 15.58 27.22
C ASP E 114 -16.22 14.54 28.34
N THR E 115 -15.64 14.87 29.49
CA THR E 115 -15.57 13.87 30.53
C THR E 115 -15.78 14.42 31.92
N PRO E 116 -16.10 13.55 32.90
CA PRO E 116 -16.33 13.97 34.29
C PRO E 116 -15.19 14.84 34.76
N CYS E 117 -15.52 16.03 35.24
CA CYS E 117 -14.48 16.96 35.66
C CYS E 117 -13.66 16.47 36.84
N THR E 118 -14.16 15.49 37.58
CA THR E 118 -13.43 14.99 38.74
C THR E 118 -12.30 14.01 38.40
N HIS E 119 -12.22 13.61 37.13
CA HIS E 119 -11.16 12.68 36.70
C HIS E 119 -9.79 13.35 36.76
N LEU E 120 -8.76 12.58 37.12
CA LEU E 120 -7.40 13.11 37.21
C LEU E 120 -6.66 12.98 35.88
N HIS E 121 -6.12 14.08 35.39
CA HIS E 121 -5.37 14.06 34.14
C HIS E 121 -4.30 15.16 34.15
N SER E 122 -3.36 15.05 33.22
CA SER E 122 -2.33 16.07 33.07
C SER E 122 -3.12 17.20 32.41
N SER E 123 -2.48 18.32 32.12
CA SER E 123 -3.20 19.43 31.51
C SER E 123 -2.33 20.36 30.66
N ILE E 124 -2.98 21.16 29.83
CA ILE E 124 -2.27 22.11 28.99
C ILE E 124 -2.60 23.52 29.48
N CYS E 125 -1.58 24.32 29.77
CA CYS E 125 -1.77 25.71 30.23
C CYS E 125 -1.33 26.67 29.13
N ALA E 126 -1.92 27.86 29.10
CA ALA E 126 -1.55 28.86 28.10
C ALA E 126 -1.78 30.28 28.63
N LYS E 127 -1.01 31.22 28.11
CA LYS E 127 -1.16 32.63 28.51
C LYS E 127 -0.53 33.49 27.42
N PRO E 128 -1.04 34.72 27.25
CA PRO E 128 -0.46 35.58 26.21
C PRO E 128 0.99 35.93 26.46
N LEU E 129 1.71 36.15 25.36
CA LEU E 129 3.12 36.52 25.44
C LEU E 129 3.15 37.97 25.90
N LYS E 130 4.09 38.32 26.77
CA LYS E 130 4.18 39.71 27.26
C LYS E 130 5.00 40.56 26.29
N CYS F 4 10.50 -29.01 -15.21
CA CYS F 4 11.65 -29.82 -15.69
C CYS F 4 12.61 -30.17 -14.56
N PRO F 5 13.29 -31.32 -14.66
CA PRO F 5 14.23 -31.69 -13.60
C PRO F 5 15.33 -30.64 -13.45
N THR F 6 15.85 -30.54 -12.23
CA THR F 6 16.89 -29.59 -11.86
C THR F 6 17.58 -28.79 -12.99
N ASP F 7 18.65 -29.34 -13.52
CA ASP F 7 19.45 -28.69 -14.55
C ASP F 7 18.88 -28.59 -15.97
N TRP F 8 17.65 -29.03 -16.18
CA TRP F 8 17.06 -28.97 -17.51
C TRP F 8 16.23 -27.70 -17.72
N LYS F 9 16.16 -27.24 -18.95
CA LYS F 9 15.40 -26.03 -19.29
C LYS F 9 14.17 -26.31 -20.13
N MET F 10 13.05 -25.70 -19.75
CA MET F 10 11.78 -25.91 -20.42
C MET F 10 11.47 -25.08 -21.67
N PHE F 11 10.96 -25.74 -22.70
CA PHE F 11 10.55 -25.07 -23.92
C PHE F 11 9.43 -25.85 -24.61
N ASN F 12 8.22 -25.32 -24.51
CA ASN F 12 7.02 -25.90 -25.10
C ASN F 12 6.84 -27.41 -25.02
N GLY F 13 6.66 -27.91 -23.79
CA GLY F 13 6.44 -29.34 -23.62
C GLY F 13 7.64 -30.24 -23.53
N ARG F 14 8.83 -29.68 -23.71
CA ARG F 14 10.05 -30.47 -23.63
C ARG F 14 11.07 -29.81 -22.72
N CYS F 15 11.99 -30.62 -22.20
CA CYS F 15 13.06 -30.16 -21.33
C CYS F 15 14.36 -30.37 -22.08
N PHE F 16 15.24 -29.39 -22.03
CA PHE F 16 16.52 -29.46 -22.75
C PHE F 16 17.73 -29.35 -21.84
N LEU F 17 18.82 -29.97 -22.26
CA LEU F 17 20.06 -29.91 -21.50
C LEU F 17 21.25 -29.89 -22.44
N PHE F 18 22.25 -29.07 -22.11
CA PHE F 18 23.46 -28.99 -22.89
C PHE F 18 24.50 -29.85 -22.19
N ASN F 19 25.05 -30.81 -22.90
CA ASN F 19 26.06 -31.70 -22.34
C ASN F 19 27.43 -31.28 -22.89
N PRO F 20 28.25 -30.63 -22.06
CA PRO F 20 29.57 -30.19 -22.53
C PRO F 20 30.59 -31.27 -22.81
N LEU F 21 30.35 -32.47 -22.30
CA LEU F 21 31.28 -33.59 -22.51
C LEU F 21 31.51 -33.83 -24.02
N GLN F 22 32.76 -34.01 -24.42
CA GLN F 22 33.10 -34.27 -25.82
C GLN F 22 32.90 -35.76 -26.14
N LEU F 23 31.87 -36.08 -26.92
CA LEU F 23 31.55 -37.47 -27.25
C LEU F 23 31.22 -37.66 -28.73
N HIS F 24 31.37 -38.88 -29.25
CA HIS F 24 30.96 -39.06 -30.63
C HIS F 24 29.44 -39.14 -30.60
N TRP F 25 28.79 -39.08 -31.76
CA TRP F 25 27.33 -39.06 -31.79
C TRP F 25 26.65 -40.19 -31.00
N ALA F 26 27.13 -41.42 -31.16
CA ALA F 26 26.55 -42.56 -30.47
C ALA F 26 26.65 -42.42 -28.95
N ASP F 27 27.81 -42.03 -28.44
CA ASP F 27 27.94 -41.86 -27.00
C ASP F 27 27.08 -40.72 -26.47
N ALA F 28 26.93 -39.67 -27.28
CA ALA F 28 26.11 -38.53 -26.86
C ALA F 28 24.65 -38.96 -26.75
N GLN F 29 24.21 -39.81 -27.67
CA GLN F 29 22.84 -40.32 -27.66
C GLN F 29 22.68 -41.25 -26.45
N GLU F 30 23.70 -42.07 -26.20
CA GLU F 30 23.67 -42.99 -25.06
C GLU F 30 23.56 -42.19 -23.77
N SER F 31 24.30 -41.09 -23.69
CA SER F 31 24.28 -40.25 -22.50
C SER F 31 22.88 -39.66 -22.26
N CYS F 32 22.20 -39.25 -23.33
CA CYS F 32 20.87 -38.68 -23.18
C CYS F 32 19.91 -39.77 -22.71
N MET F 33 20.09 -40.98 -23.21
CA MET F 33 19.22 -42.08 -22.84
C MET F 33 19.32 -42.43 -21.37
N LYS F 34 20.50 -42.24 -20.78
CA LYS F 34 20.68 -42.54 -19.36
C LYS F 34 19.82 -41.63 -18.51
N GLU F 35 19.31 -40.55 -19.10
CA GLU F 35 18.47 -39.59 -18.41
C GLU F 35 17.06 -39.55 -19.00
N GLY F 36 16.71 -40.62 -19.72
CA GLY F 36 15.39 -40.72 -20.33
C GLY F 36 15.15 -39.74 -21.47
N ALA F 37 16.23 -39.30 -22.11
CA ALA F 37 16.12 -38.34 -23.21
C ALA F 37 16.69 -38.88 -24.52
N ASN F 38 16.73 -38.00 -25.53
CA ASN F 38 17.28 -38.28 -26.85
C ASN F 38 18.05 -37.04 -27.24
N LEU F 39 18.98 -37.17 -28.19
CA LEU F 39 19.68 -35.98 -28.67
C LEU F 39 18.47 -35.19 -29.23
N ALA F 40 18.48 -33.87 -29.04
CA ALA F 40 17.35 -33.04 -29.44
C ALA F 40 17.00 -32.95 -30.92
N SER F 41 15.73 -32.65 -31.17
CA SER F 41 15.24 -32.42 -32.53
C SER F 41 14.86 -30.93 -32.47
N ILE F 42 14.95 -30.24 -33.60
CA ILE F 42 14.65 -28.80 -33.68
C ILE F 42 13.60 -28.64 -34.78
N HIS F 43 12.52 -27.92 -34.47
CA HIS F 43 11.43 -27.77 -35.44
C HIS F 43 11.04 -26.37 -35.86
N SER F 44 11.79 -25.37 -35.42
CA SER F 44 11.47 -23.99 -35.79
C SER F 44 12.62 -23.07 -35.43
N LEU F 45 12.58 -21.84 -35.94
CA LEU F 45 13.61 -20.86 -35.64
C LEU F 45 13.57 -20.54 -34.16
N GLU F 46 12.37 -20.45 -33.60
CA GLU F 46 12.21 -20.16 -32.17
C GLU F 46 12.89 -21.25 -31.33
N GLU F 47 12.71 -22.50 -31.72
CA GLU F 47 13.32 -23.59 -30.98
C GLU F 47 14.83 -23.55 -31.15
N SER F 48 15.30 -23.23 -32.35
CA SER F 48 16.74 -23.16 -32.61
C SER F 48 17.37 -22.07 -31.75
N THR F 49 16.70 -20.92 -31.70
CA THR F 49 17.19 -19.81 -30.89
C THR F 49 17.28 -20.21 -29.41
N PHE F 50 16.27 -20.95 -28.94
CA PHE F 50 16.24 -21.39 -27.55
C PHE F 50 17.43 -22.32 -27.24
N VAL F 51 17.64 -23.31 -28.10
CA VAL F 51 18.73 -24.25 -27.91
C VAL F 51 20.08 -23.53 -27.93
N LYS F 52 20.25 -22.57 -28.82
CA LYS F 52 21.50 -21.84 -28.90
C LYS F 52 21.83 -21.14 -27.58
N GLU F 53 20.78 -20.74 -26.87
CA GLU F 53 20.97 -20.06 -25.59
C GLU F 53 21.56 -20.99 -24.54
N LEU F 54 21.52 -22.30 -24.79
CA LEU F 54 22.07 -23.26 -23.85
C LEU F 54 23.53 -23.57 -24.16
N THR F 55 24.01 -23.12 -25.31
CA THR F 55 25.38 -23.43 -25.72
C THR F 55 26.43 -22.36 -25.42
N SER F 56 26.13 -21.50 -24.44
CA SER F 56 27.02 -20.42 -24.01
C SER F 56 27.17 -19.29 -25.02
N ALA F 57 27.84 -18.22 -24.59
CA ALA F 57 28.06 -17.06 -25.44
C ALA F 57 28.89 -17.42 -26.67
N ASP F 58 29.68 -18.48 -26.55
CA ASP F 58 30.52 -18.93 -27.65
C ASP F 58 29.76 -19.78 -28.66
N LEU F 59 28.49 -20.07 -28.37
CA LEU F 59 27.66 -20.90 -29.26
C LEU F 59 28.46 -22.12 -29.71
N ILE F 60 28.73 -23.00 -28.75
CA ILE F 60 29.52 -24.21 -28.96
C ILE F 60 28.94 -25.23 -29.92
N PRO F 61 29.74 -25.68 -30.91
CA PRO F 61 29.24 -26.67 -31.88
C PRO F 61 28.75 -27.87 -31.09
N SER F 62 27.56 -28.37 -31.44
CA SER F 62 26.98 -29.49 -30.70
C SER F 62 26.22 -30.48 -31.58
N TRP F 63 26.23 -31.73 -31.16
CA TRP F 63 25.49 -32.78 -31.85
C TRP F 63 24.01 -32.60 -31.56
N ILE F 64 23.17 -32.92 -32.54
CA ILE F 64 21.72 -32.90 -32.41
C ILE F 64 21.29 -34.29 -32.85
N GLY F 65 20.04 -34.68 -32.61
CA GLY F 65 19.61 -36.03 -32.94
C GLY F 65 19.15 -36.41 -34.33
N GLY F 66 19.74 -35.80 -35.37
CA GLY F 66 19.32 -36.11 -36.73
C GLY F 66 20.41 -36.80 -37.53
N THR F 67 20.01 -37.70 -38.43
CA THR F 67 21.00 -38.40 -39.26
C THR F 67 20.32 -38.95 -40.51
N ASP F 68 21.11 -39.24 -41.54
CA ASP F 68 20.58 -39.86 -42.76
C ASP F 68 21.56 -40.99 -43.01
N CYS F 69 21.93 -41.65 -41.90
CA CYS F 69 22.89 -42.74 -41.95
C CYS F 69 22.39 -44.06 -42.51
N GLN F 70 21.08 -44.25 -42.55
CA GLN F 70 20.52 -45.49 -43.11
C GLN F 70 20.46 -45.45 -44.63
N VAL F 71 19.74 -44.46 -45.16
CA VAL F 71 19.64 -44.27 -46.60
C VAL F 71 19.93 -42.80 -46.87
N SER F 72 20.95 -42.54 -47.67
CA SER F 72 21.36 -41.17 -47.99
C SER F 72 20.18 -40.30 -48.43
N THR F 73 20.15 -39.09 -47.89
CA THR F 73 19.12 -38.06 -48.15
C THR F 73 17.81 -38.27 -47.39
N ARG F 74 17.68 -39.38 -46.65
CA ARG F 74 16.46 -39.63 -45.88
C ARG F 74 16.82 -39.33 -44.44
N TRP F 75 16.40 -38.16 -43.98
CA TRP F 75 16.71 -37.70 -42.62
C TRP F 75 15.70 -38.09 -41.55
N PHE F 76 16.22 -38.48 -40.38
CA PHE F 76 15.37 -38.87 -39.26
C PHE F 76 15.86 -38.30 -37.94
N TRP F 77 14.91 -38.02 -37.04
CA TRP F 77 15.23 -37.53 -35.69
C TRP F 77 15.12 -38.77 -34.79
N MET F 78 15.93 -38.83 -33.74
CA MET F 78 15.88 -39.98 -32.84
C MET F 78 14.63 -40.03 -31.97
N ASP F 79 13.99 -38.89 -31.79
CA ASP F 79 12.80 -38.82 -30.95
C ASP F 79 11.48 -39.03 -31.72
N SER F 80 11.61 -39.56 -32.93
CA SER F 80 10.48 -39.88 -33.81
C SER F 80 9.61 -38.72 -34.31
N THR F 81 10.06 -37.49 -34.11
CA THR F 81 9.32 -36.34 -34.59
C THR F 81 9.68 -36.17 -36.06
N SER F 82 8.89 -35.40 -36.80
CA SER F 82 9.16 -35.22 -38.22
C SER F 82 10.23 -34.19 -38.54
N MET F 83 10.90 -34.40 -39.67
CA MET F 83 11.94 -33.51 -40.16
C MET F 83 11.18 -32.43 -40.92
N ASP F 84 10.78 -31.39 -40.22
CA ASP F 84 10.01 -30.31 -40.85
C ASP F 84 10.71 -28.97 -40.83
N TYR F 85 11.96 -28.95 -40.35
CA TYR F 85 12.73 -27.72 -40.27
C TYR F 85 14.21 -28.05 -40.41
N ALA F 86 14.98 -27.14 -41.00
CA ALA F 86 16.42 -27.33 -41.12
C ALA F 86 17.10 -25.97 -41.16
N ASP F 87 18.35 -25.93 -40.72
CA ASP F 87 19.13 -24.68 -40.71
C ASP F 87 20.52 -25.00 -41.28
N TRP F 88 20.53 -25.61 -42.46
CA TRP F 88 21.77 -25.99 -43.13
C TRP F 88 22.67 -24.84 -43.49
N CYS F 89 23.97 -25.05 -43.34
CA CYS F 89 24.95 -24.04 -43.72
C CYS F 89 24.93 -24.02 -45.25
N ALA F 90 25.50 -22.98 -45.84
CA ALA F 90 25.52 -22.88 -47.30
C ALA F 90 26.16 -24.14 -47.89
N ALA F 91 25.53 -24.67 -48.94
CA ALA F 91 26.00 -25.86 -49.65
C ALA F 91 25.86 -27.14 -48.82
N GLN F 92 25.13 -27.02 -47.72
CA GLN F 92 24.91 -28.16 -46.83
C GLN F 92 23.49 -28.67 -47.03
N PRO F 93 23.23 -29.96 -46.80
CA PRO F 93 24.11 -31.05 -46.36
C PRO F 93 24.79 -31.76 -47.53
N ASP F 94 25.81 -32.54 -47.22
CA ASP F 94 26.52 -33.29 -48.27
C ASP F 94 25.80 -34.59 -48.61
N THR F 95 25.03 -35.11 -47.65
CA THR F 95 24.26 -36.35 -47.77
C THR F 95 25.08 -37.62 -47.94
N THR F 96 26.41 -37.49 -48.00
CA THR F 96 27.26 -38.67 -48.14
C THR F 96 27.24 -39.45 -46.82
N LEU F 97 27.28 -40.77 -46.91
CA LEU F 97 27.24 -41.63 -45.73
C LEU F 97 28.39 -41.44 -44.76
N THR F 98 29.54 -40.99 -45.25
CA THR F 98 30.71 -40.80 -44.40
C THR F 98 30.51 -39.70 -43.35
N GLU F 99 29.58 -38.78 -43.61
CA GLU F 99 29.29 -37.69 -42.68
C GLU F 99 27.77 -37.56 -42.61
N CYS F 100 27.13 -38.48 -41.89
CA CYS F 100 25.67 -38.48 -41.82
C CYS F 100 24.96 -38.02 -40.54
N CYS F 101 25.71 -37.51 -39.56
CA CYS F 101 25.11 -37.03 -38.30
C CYS F 101 25.03 -35.49 -38.31
N ILE F 102 23.94 -34.94 -37.79
CA ILE F 102 23.79 -33.48 -37.81
C ILE F 102 24.44 -32.78 -36.61
N GLN F 103 25.28 -31.80 -36.92
CA GLN F 103 25.97 -31.00 -35.91
C GLN F 103 25.47 -29.57 -36.11
N MET F 104 25.12 -28.87 -35.02
CA MET F 104 24.64 -27.50 -35.11
C MET F 104 25.72 -26.53 -34.59
N ASN F 105 25.49 -25.22 -34.74
CA ASN F 105 26.45 -24.21 -34.28
C ASN F 105 27.81 -24.34 -35.00
N VAL F 106 27.78 -24.82 -36.23
CA VAL F 106 29.00 -25.01 -37.00
C VAL F 106 29.43 -23.77 -37.78
N GLY F 107 30.73 -23.46 -37.69
CA GLY F 107 31.29 -22.32 -38.40
C GLY F 107 30.89 -20.96 -37.87
N ILE F 108 31.27 -19.92 -38.59
CA ILE F 108 30.95 -18.57 -38.19
C ILE F 108 29.46 -18.31 -38.34
N GLY F 109 28.84 -19.00 -39.30
CA GLY F 109 27.42 -18.85 -39.53
C GLY F 109 26.54 -19.55 -38.50
N LYS F 110 27.17 -20.36 -37.65
CA LYS F 110 26.49 -21.14 -36.60
C LYS F 110 25.25 -21.87 -37.12
N CYS F 111 25.44 -22.67 -38.16
CA CYS F 111 24.37 -23.42 -38.80
C CYS F 111 24.62 -24.92 -38.72
N TRP F 112 23.81 -25.70 -39.44
CA TRP F 112 23.95 -27.16 -39.41
C TRP F 112 24.85 -27.68 -40.52
N ASN F 113 25.56 -28.75 -40.22
CA ASN F 113 26.46 -29.37 -41.19
C ASN F 113 26.44 -30.87 -40.88
N ASP F 114 26.25 -31.73 -41.88
CA ASP F 114 26.28 -33.16 -41.56
C ASP F 114 27.76 -33.53 -41.42
N THR F 115 28.09 -34.23 -40.35
CA THR F 115 29.49 -34.55 -40.10
C THR F 115 29.72 -36.00 -39.66
N PRO F 116 30.97 -36.48 -39.78
CA PRO F 116 31.33 -37.84 -39.39
C PRO F 116 30.87 -38.10 -37.96
N CYS F 117 30.03 -39.11 -37.77
CA CYS F 117 29.49 -39.41 -36.45
C CYS F 117 30.53 -39.72 -35.38
N THR F 118 31.76 -40.06 -35.80
CA THR F 118 32.82 -40.38 -34.83
C THR F 118 33.56 -39.16 -34.27
N HIS F 119 33.31 -37.98 -34.83
CA HIS F 119 33.97 -36.78 -34.31
C HIS F 119 33.41 -36.47 -32.91
N LEU F 120 34.24 -35.97 -32.02
CA LEU F 120 33.78 -35.65 -30.66
C LEU F 120 33.26 -34.21 -30.54
N HIS F 121 32.07 -34.07 -29.97
CA HIS F 121 31.46 -32.75 -29.78
C HIS F 121 30.53 -32.75 -28.59
N SER F 122 30.19 -31.56 -28.12
CA SER F 122 29.24 -31.40 -27.04
C SER F 122 27.91 -31.79 -27.68
N SER F 123 26.83 -31.76 -26.91
CA SER F 123 25.54 -32.16 -27.48
C SER F 123 24.36 -31.55 -26.75
N ILE F 124 23.18 -31.68 -27.37
CA ILE F 124 21.94 -31.16 -26.81
C ILE F 124 20.96 -32.30 -26.59
N CYS F 125 20.50 -32.48 -25.34
CA CYS F 125 19.54 -33.53 -25.01
C CYS F 125 18.16 -32.94 -24.77
N ALA F 126 17.12 -33.73 -25.06
CA ALA F 126 15.75 -33.28 -24.86
C ALA F 126 14.83 -34.44 -24.51
N LYS F 127 13.79 -34.14 -23.74
CA LYS F 127 12.81 -35.16 -23.37
C LYS F 127 11.52 -34.45 -23.00
N PRO F 128 10.38 -35.14 -23.14
CA PRO F 128 9.10 -34.52 -22.81
C PRO F 128 9.00 -34.15 -21.34
N LEU F 129 8.25 -33.09 -21.06
CA LEU F 129 8.03 -32.62 -19.71
C LEU F 129 7.01 -33.58 -19.09
N LYS F 130 7.20 -33.93 -17.82
CA LYS F 130 6.28 -34.84 -17.17
C LYS F 130 5.36 -34.13 -16.18
CA CA G . -14.81 5.41 33.87
CA CA H . 13.29 5.88 -17.98
CA CA I . -10.49 11.60 -5.07
CA CA J . 19.86 13.30 -1.92
CA CA K . -18.13 12.23 26.62
CA CA L . 28.94 -31.94 -44.45
#